data_8YJM
#
_entry.id   8YJM
#
_cell.length_a   191.337
_cell.length_b   191.337
_cell.length_c   80.094
_cell.angle_alpha   90.000
_cell.angle_beta   90.000
_cell.angle_gamma   120.000
#
_symmetry.space_group_name_H-M   'P 61'
#
loop_
_entity.id
_entity.type
_entity.pdbx_description
1 polymer 'FACT complex subunit SPT16'
2 polymer 'DNA replication licensing factor MCM2'
3 polymer 'Histone H3.1'
4 polymer 'Histone H4'
5 polymer 'Histone H2B 1/2/3/4/6,Histone H2A type 1-D'
#
loop_
_entity_poly.entity_id
_entity_poly.type
_entity_poly.pdbx_seq_one_letter_code
_entity_poly.pdbx_strand_id
1 'polypeptide(L)'
;GPLGSGIVKQDSLVINLNRSNPKLKDLYIRPNIAQKRMQGSLEAHVNGFRFTSVRGDKVDILYNNIKHALFQPCDGEMII
VLHFHLKNAIMFGKKRHTDVQFYTEVGEITTDLGKHQHMHDRDDLYAEQMEREMRHKLKTAFKNFIEKVEALTKEELEFE
VPFRDLGFNGAPYRSTCLLQPTSSALVNATEWPPFVVTLDEVELIHFERVQFHLKNFDMVIVYKDYSKKVTMINAIPVAS
LDPIKEWLNSCDLKYTEGVQSLNWTKIMKTIVDDPEGFFEQGGWSFLEPEGEGSDAEEGDSESEIEDETFNPSEDDYEEE
EEDSDEDYSSEAEESDYSKESLGSEEESGK
;
A
2 'polypeptide(L)'
;SLEEEEDGEELIGDGMERDYRAIPELDAYEAEGLALDDEDVEELTASQREAAERAMRQRDREAGRGLGRMRRGLLYDSDE
EDEERPARKRRQV
;
B
3 'polypeptide(L)'
;MKSTELLIRKLPFQRLVREIAQDFKTDLRFQSSAVMALQEACEAYLVGLFEDTNLCAIHAKRVTIMPKDIQLARRIRGER
A
;
C,E
4 'polypeptide(L)'
;MSGRGKGGKGLGKGGAKRHRKVLRDNIQGITKPAIRRLARRGGVKRISGLIYEETRGVLKVFLENVIRDAVTYTEHAKRK
TVTAMDVVYALKRQGRTLYGFGG
;
D,F
5 'polypeptide(L)'
;MGSSHHHHHHSSGLVPRGSHMRKESYSIYVYKVLKQVHPDTGISSKAMGIMNSFVNDIFERIAGEASRLAHYNKRSTITS
REIQTAVRLLLPGELAKHAVSEGTKAVTKYTSSKKAKTRSSRAGLQFPVGRVHRLLRKGNYSERVGAGAPVYLAAVLEYL
TAEILELAGNAARDNKKTRIIPRHLQLAIRNDEELNKLLGKVTIAQGGVLPNI
;
G
#
# COMPACT_ATOMS: atom_id res chain seq x y z
N ILE A 7 39.53 -7.95 20.94
CA ILE A 7 40.46 -7.11 20.19
C ILE A 7 40.79 -5.88 21.03
N VAL A 8 39.91 -5.54 21.96
CA VAL A 8 40.07 -4.39 22.84
C VAL A 8 40.08 -4.88 24.28
N LYS A 9 41.11 -4.49 25.03
CA LYS A 9 41.22 -4.91 26.42
C LYS A 9 40.09 -4.34 27.26
N GLN A 10 39.63 -5.12 28.23
CA GLN A 10 38.53 -4.75 29.10
C GLN A 10 38.97 -4.84 30.56
N ASP A 11 38.54 -3.87 31.36
CA ASP A 11 38.88 -3.85 32.78
C ASP A 11 38.21 -5.03 33.49
N SER A 12 38.91 -5.55 34.50
CA SER A 12 38.39 -6.69 35.25
C SER A 12 37.12 -6.31 36.01
N LEU A 13 36.16 -7.23 36.03
CA LEU A 13 34.89 -6.99 36.70
C LEU A 13 35.09 -6.91 38.21
N VAL A 14 34.48 -5.91 38.82
CA VAL A 14 34.56 -5.68 40.27
C VAL A 14 33.35 -6.36 40.90
N ILE A 15 33.56 -7.54 41.47
CA ILE A 15 32.52 -8.28 42.18
C ILE A 15 32.73 -8.09 43.67
N ASN A 16 31.71 -7.51 44.33
CA ASN A 16 31.71 -7.34 45.77
C ASN A 16 30.72 -8.32 46.38
N LEU A 17 31.16 -9.09 47.36
CA LEU A 17 30.29 -10.00 48.07
C LEU A 17 29.59 -9.21 49.18
N ASN A 18 28.34 -8.86 48.94
CA ASN A 18 27.53 -8.12 49.91
C ASN A 18 26.07 -8.34 49.54
N ARG A 19 25.18 -7.58 50.18
CA ARG A 19 23.75 -7.75 49.96
C ARG A 19 23.29 -7.14 48.64
N SER A 20 23.93 -6.06 48.19
CA SER A 20 23.51 -5.37 46.97
C SER A 20 24.01 -6.15 45.76
N ASN A 21 23.16 -7.02 45.23
CA ASN A 21 23.49 -7.84 44.06
C ASN A 21 22.23 -8.05 43.23
N PRO A 22 21.78 -7.04 42.50
CA PRO A 22 20.58 -7.20 41.67
C PRO A 22 20.79 -8.22 40.57
N LYS A 23 19.86 -9.16 40.45
CA LYS A 23 20.02 -10.33 39.61
C LYS A 23 18.71 -10.61 38.86
N LEU A 24 18.81 -11.33 37.75
CA LEU A 24 17.65 -11.65 36.94
C LEU A 24 17.84 -13.04 36.33
N LYS A 25 16.87 -13.92 36.55
CA LYS A 25 16.95 -15.31 36.12
C LYS A 25 16.29 -15.52 34.76
N ASP A 26 16.45 -16.74 34.23
CA ASP A 26 15.73 -17.20 33.05
C ASP A 26 15.99 -16.30 31.84
N LEU A 27 17.24 -16.24 31.42
CA LEU A 27 17.66 -15.38 30.32
C LEU A 27 18.45 -16.19 29.31
N TYR A 28 18.11 -16.03 28.04
CA TYR A 28 18.88 -16.61 26.94
C TYR A 28 19.79 -15.53 26.36
N ILE A 29 21.03 -15.89 26.11
CA ILE A 29 22.02 -14.94 25.62
C ILE A 29 22.09 -15.02 24.11
N ARG A 30 22.11 -13.86 23.46
CA ARG A 30 22.36 -13.74 22.04
C ARG A 30 23.56 -12.84 21.81
N PRO A 31 24.59 -13.30 21.08
CA PRO A 31 24.66 -14.64 20.49
C PRO A 31 25.05 -15.70 21.51
N ASN A 32 24.84 -16.97 21.16
CA ASN A 32 25.17 -18.06 22.06
C ASN A 32 26.68 -18.29 22.07
N ILE A 33 27.13 -19.22 22.91
CA ILE A 33 28.54 -19.54 23.00
C ILE A 33 28.87 -20.82 22.26
N ALA A 34 27.99 -21.81 22.32
CA ALA A 34 28.03 -22.97 21.46
C ALA A 34 26.84 -22.90 20.50
N GLN A 35 26.69 -23.93 19.68
CA GLN A 35 25.54 -23.98 18.78
C GLN A 35 24.25 -24.30 19.52
N LYS A 36 24.30 -24.41 20.84
CA LYS A 36 23.14 -24.67 21.67
C LYS A 36 22.78 -23.41 22.46
N ARG A 37 21.48 -23.19 22.65
CA ARG A 37 20.99 -21.99 23.34
C ARG A 37 21.40 -22.05 24.81
N MET A 38 22.41 -21.26 25.18
CA MET A 38 22.86 -21.20 26.56
C MET A 38 21.90 -20.33 27.37
N GLN A 39 21.45 -20.84 28.51
CA GLN A 39 20.57 -20.10 29.40
C GLN A 39 21.21 -19.94 30.76
N GLY A 40 21.06 -18.75 31.34
CA GLY A 40 21.65 -18.46 32.63
C GLY A 40 21.01 -17.29 33.35
N SER A 41 21.83 -16.53 34.08
CA SER A 41 21.36 -15.43 34.91
C SER A 41 22.29 -14.24 34.79
N LEU A 42 21.73 -13.05 34.94
CA LEU A 42 22.47 -11.80 34.85
C LEU A 42 22.53 -11.12 36.20
N GLU A 43 23.73 -10.72 36.62
CA GLU A 43 23.97 -10.14 37.94
C GLU A 43 24.65 -8.79 37.77
N ALA A 44 24.20 -7.79 38.51
CA ALA A 44 24.68 -6.41 38.38
C ALA A 44 25.65 -6.10 39.52
N HIS A 45 26.92 -5.96 39.18
CA HIS A 45 28.00 -5.71 40.13
C HIS A 45 28.37 -4.23 40.15
N VAL A 46 29.51 -3.91 40.76
CA VAL A 46 29.89 -2.52 41.00
C VAL A 46 30.08 -1.77 39.68
N ASN A 47 30.85 -2.35 38.75
CA ASN A 47 31.21 -1.66 37.51
C ASN A 47 30.74 -2.36 36.25
N GLY A 48 29.99 -3.46 36.36
CA GLY A 48 29.56 -4.17 35.18
C GLY A 48 28.59 -5.26 35.50
N PHE A 49 28.30 -6.08 34.48
CA PHE A 49 27.37 -7.19 34.58
C PHE A 49 28.11 -8.50 34.45
N ARG A 50 27.67 -9.50 35.23
CA ARG A 50 28.18 -10.85 35.12
C ARG A 50 27.03 -11.79 34.76
N PHE A 51 27.20 -12.55 33.68
CA PHE A 51 26.20 -13.51 33.24
C PHE A 51 26.73 -14.91 33.54
N THR A 52 26.05 -15.61 34.45
CA THR A 52 26.44 -16.95 34.86
C THR A 52 25.56 -17.97 34.15
N SER A 53 26.18 -18.84 33.36
CA SER A 53 25.43 -19.88 32.66
C SER A 53 25.28 -21.11 33.54
N VAL A 54 24.32 -21.95 33.16
CA VAL A 54 24.11 -23.22 33.87
C VAL A 54 25.34 -24.12 33.71
N ARG A 55 25.94 -24.12 32.52
CA ARG A 55 27.15 -24.89 32.26
C ARG A 55 28.41 -24.23 32.80
N GLY A 56 28.26 -23.18 33.62
CA GLY A 56 29.39 -22.49 34.20
C GLY A 56 29.94 -21.36 33.37
N ASP A 57 29.46 -21.16 32.14
CA ASP A 57 29.96 -20.10 31.29
C ASP A 57 29.63 -18.74 31.89
N LYS A 58 30.61 -17.84 31.90
CA LYS A 58 30.44 -16.50 32.46
C LYS A 58 30.89 -15.46 31.47
N VAL A 59 30.02 -14.49 31.19
CA VAL A 59 30.31 -13.39 30.28
C VAL A 59 30.10 -12.08 31.04
N ASP A 60 31.05 -11.17 30.89
CA ASP A 60 31.05 -9.91 31.64
C ASP A 60 30.98 -8.74 30.68
N ILE A 61 30.27 -7.69 31.10
CA ILE A 61 30.10 -6.47 30.31
C ILE A 61 30.17 -5.28 31.26
N LEU A 62 31.12 -4.38 31.03
CA LEU A 62 31.31 -3.23 31.89
C LEU A 62 30.27 -2.14 31.63
N TYR A 63 29.97 -1.37 32.66
CA TYR A 63 29.06 -0.23 32.50
C TYR A 63 29.65 0.80 31.54
N ASN A 64 30.96 1.05 31.64
CA ASN A 64 31.62 2.01 30.76
C ASN A 64 31.73 1.51 29.33
N ASN A 65 31.52 0.22 29.09
CA ASN A 65 31.61 -0.35 27.75
C ASN A 65 30.27 -0.39 27.03
N ILE A 66 29.19 0.08 27.66
CA ILE A 66 27.85 0.00 27.10
C ILE A 66 27.54 1.32 26.40
N LYS A 67 27.38 1.25 25.07
CA LYS A 67 27.03 2.43 24.30
C LYS A 67 25.52 2.70 24.32
N HIS A 68 24.72 1.64 24.28
CA HIS A 68 23.26 1.78 24.28
C HIS A 68 22.66 0.62 25.06
N ALA A 69 22.09 0.92 26.23
CA ALA A 69 21.28 -0.04 26.96
C ALA A 69 19.83 0.13 26.54
N LEU A 70 19.21 -0.96 26.08
CA LEU A 70 17.88 -0.91 25.51
C LEU A 70 16.97 -1.91 26.21
N PHE A 71 15.73 -1.49 26.45
CA PHE A 71 14.72 -2.35 27.09
C PHE A 71 13.53 -2.50 26.15
N GLN A 72 13.32 -3.72 25.66
CA GLN A 72 12.16 -4.03 24.84
C GLN A 72 11.12 -4.74 25.68
N PRO A 73 9.99 -4.12 26.00
CA PRO A 73 8.96 -4.83 26.77
C PRO A 73 8.28 -5.91 25.94
N CYS A 74 7.65 -6.84 26.65
CA CYS A 74 6.99 -7.97 26.02
C CYS A 74 5.66 -7.62 25.38
N ASP A 75 5.20 -6.37 25.49
CA ASP A 75 3.93 -5.97 24.89
C ASP A 75 4.06 -5.98 23.37
N GLY A 76 3.19 -6.75 22.71
CA GLY A 76 3.22 -6.86 21.27
C GLY A 76 4.28 -7.79 20.71
N GLU A 77 5.00 -8.53 21.57
CA GLU A 77 6.06 -9.41 21.14
C GLU A 77 5.97 -10.72 21.90
N MET A 78 6.74 -11.71 21.43
CA MET A 78 6.76 -13.02 22.05
C MET A 78 7.83 -13.15 23.13
N ILE A 79 8.71 -12.15 23.27
CA ILE A 79 9.79 -12.19 24.25
C ILE A 79 9.92 -10.81 24.89
N ILE A 80 10.69 -10.76 25.97
CA ILE A 80 11.04 -9.50 26.63
C ILE A 80 12.56 -9.47 26.75
N VAL A 81 13.17 -8.38 26.30
CA VAL A 81 14.59 -8.34 25.96
C VAL A 81 15.27 -7.18 26.67
N LEU A 82 16.48 -7.43 27.17
CA LEU A 82 17.44 -6.40 27.50
C LEU A 82 18.59 -6.49 26.51
N HIS A 83 18.85 -5.41 25.78
CA HIS A 83 19.87 -5.39 24.74
C HIS A 83 20.96 -4.39 25.10
N PHE A 84 22.18 -4.68 24.63
CA PHE A 84 23.33 -3.82 24.90
C PHE A 84 24.18 -3.73 23.64
N HIS A 85 24.27 -2.54 23.07
CA HIS A 85 25.17 -2.24 21.97
C HIS A 85 26.43 -1.61 22.55
N LEU A 86 27.59 -2.19 22.26
CA LEU A 86 28.82 -1.85 22.96
C LEU A 86 29.66 -0.85 22.17
N LYS A 87 30.42 -0.04 22.92
CA LYS A 87 31.38 0.86 22.29
C LYS A 87 32.47 0.09 21.57
N ASN A 88 32.98 -0.97 22.19
CA ASN A 88 34.03 -1.80 21.61
C ASN A 88 33.60 -3.27 21.63
N ALA A 89 33.99 -4.00 20.59
CA ALA A 89 33.61 -5.40 20.46
C ALA A 89 34.28 -6.25 21.54
N ILE A 90 33.57 -7.30 21.95
CA ILE A 90 34.07 -8.27 22.91
C ILE A 90 33.85 -9.68 22.36
N MET A 91 34.61 -10.62 22.91
CA MET A 91 34.62 -12.02 22.45
C MET A 91 34.39 -12.93 23.65
N PHE A 92 33.36 -13.76 23.55
CA PHE A 92 33.13 -14.78 24.57
C PHE A 92 33.02 -16.17 23.94
N GLY A 93 32.56 -16.21 22.69
CA GLY A 93 32.66 -17.40 21.88
C GLY A 93 33.70 -17.20 20.80
N LYS A 94 33.69 -18.10 19.81
CA LYS A 94 34.52 -17.88 18.64
C LYS A 94 34.03 -16.63 17.90
N LYS A 95 34.98 -15.85 17.38
CA LYS A 95 34.74 -14.57 16.73
C LYS A 95 34.36 -13.50 17.77
N ARG A 96 34.25 -12.26 17.32
CA ARG A 96 33.93 -11.12 18.19
C ARG A 96 32.51 -10.64 17.92
N HIS A 97 31.78 -10.36 19.01
CA HIS A 97 30.38 -9.96 18.95
C HIS A 97 30.25 -8.53 19.46
N THR A 98 29.60 -7.68 18.66
CA THR A 98 29.41 -6.27 19.02
C THR A 98 28.08 -6.00 19.69
N ASP A 99 27.14 -6.96 19.67
CA ASP A 99 25.83 -6.79 20.29
C ASP A 99 25.55 -8.01 21.16
N VAL A 100 25.13 -7.77 22.40
CA VAL A 100 24.79 -8.84 23.34
C VAL A 100 23.46 -8.49 23.99
N GLN A 101 22.54 -9.45 24.00
CA GLN A 101 21.21 -9.24 24.56
C GLN A 101 20.78 -10.46 25.37
N PHE A 102 19.80 -10.24 26.24
CA PHE A 102 19.24 -11.29 27.09
C PHE A 102 17.73 -11.18 27.06
N TYR A 103 17.05 -12.27 26.72
CA TYR A 103 15.62 -12.25 26.48
C TYR A 103 14.93 -13.40 27.21
N THR A 104 13.66 -13.18 27.55
CA THR A 104 12.80 -14.18 28.15
C THR A 104 11.53 -14.31 27.33
N GLU A 105 11.18 -15.54 26.98
CA GLU A 105 10.01 -15.78 26.14
C GLU A 105 8.72 -15.60 26.94
N VAL A 106 7.71 -15.03 26.29
CA VAL A 106 6.39 -14.88 26.93
C VAL A 106 5.76 -16.26 27.15
N GLY A 107 5.83 -17.13 26.15
CA GLY A 107 5.19 -18.42 26.16
C GLY A 107 4.39 -18.61 24.90
N GLU A 108 3.66 -19.74 24.86
CA GLU A 108 2.81 -20.14 23.74
C GLU A 108 3.48 -19.85 22.40
N ILE A 109 4.80 -20.08 22.32
CA ILE A 109 5.57 -19.65 21.17
C ILE A 109 5.07 -20.34 19.89
N THR A 110 4.88 -21.66 19.97
CA THR A 110 4.38 -22.44 18.84
C THR A 110 3.41 -23.48 19.38
N THR A 111 2.13 -23.16 19.38
CA THR A 111 1.08 -24.15 19.57
C THR A 111 0.76 -24.75 18.21
N ASP A 112 0.72 -26.08 18.14
CA ASP A 112 0.50 -26.77 16.88
C ASP A 112 -0.90 -27.36 16.82
N LEU A 113 -1.48 -27.36 15.62
CA LEU A 113 -2.82 -27.86 15.42
C LEU A 113 -2.81 -29.36 15.12
N GLY A 114 -3.89 -30.02 15.49
CA GLY A 114 -4.01 -31.45 15.32
C GLY A 114 -4.98 -32.03 16.33
N LYS A 115 -4.84 -33.33 16.58
CA LYS A 115 -5.70 -34.01 17.55
C LYS A 115 -5.29 -33.76 18.99
N HIS A 116 -4.14 -33.14 19.23
CA HIS A 116 -3.72 -32.82 20.60
C HIS A 116 -4.47 -31.61 21.15
N GLN A 117 -4.80 -30.64 20.31
CA GLN A 117 -5.61 -29.49 20.69
C GLN A 117 -7.07 -29.65 20.29
N HIS A 118 -7.50 -30.88 19.98
CA HIS A 118 -8.88 -31.13 19.56
C HIS A 118 -9.87 -30.86 20.69
N MET A 119 -9.40 -30.81 21.94
CA MET A 119 -10.30 -30.58 23.07
C MET A 119 -11.00 -29.23 22.93
N HIS A 120 -10.23 -28.18 22.61
CA HIS A 120 -10.78 -26.84 22.39
C HIS A 120 -11.65 -26.38 23.56
N ASP A 121 -11.18 -26.67 24.77
CA ASP A 121 -11.94 -26.35 25.97
C ASP A 121 -12.04 -24.84 26.17
N ARG A 122 -12.94 -24.43 27.05
CA ARG A 122 -13.17 -23.03 27.37
C ARG A 122 -12.29 -22.55 28.51
N ASP A 123 -11.37 -23.39 28.99
CA ASP A 123 -10.44 -23.03 30.05
C ASP A 123 -9.33 -22.10 29.57
N ASP A 124 -9.24 -21.85 28.26
CA ASP A 124 -8.20 -20.96 27.74
C ASP A 124 -8.34 -19.53 28.27
N LEU A 125 -9.53 -19.16 28.73
CA LEU A 125 -9.70 -17.83 29.35
C LEU A 125 -8.91 -17.73 30.65
N TYR A 126 -8.98 -18.78 31.49
CA TYR A 126 -8.19 -18.78 32.71
C TYR A 126 -6.70 -18.86 32.41
N ALA A 127 -6.31 -19.68 31.44
CA ALA A 127 -4.90 -19.75 31.06
C ALA A 127 -4.42 -18.43 30.48
N GLU A 128 -5.31 -17.68 29.84
CA GLU A 128 -4.97 -16.36 29.35
C GLU A 128 -4.66 -15.41 30.50
N GLN A 129 -5.42 -15.50 31.59
CA GLN A 129 -5.09 -14.74 32.79
C GLN A 129 -3.73 -15.16 33.36
N MET A 130 -3.47 -16.46 33.41
CA MET A 130 -2.16 -16.93 33.86
C MET A 130 -1.06 -16.42 32.93
N GLU A 131 -1.34 -16.27 31.64
CA GLU A 131 -0.37 -15.66 30.74
C GLU A 131 -0.27 -14.16 30.99
N ARG A 132 -1.40 -13.51 31.27
CA ARG A 132 -1.39 -12.09 31.59
C ARG A 132 -0.62 -11.81 32.87
N GLU A 133 -0.82 -12.66 33.89
CA GLU A 133 -0.05 -12.54 35.12
C GLU A 133 1.43 -12.81 34.86
N MET A 134 1.75 -13.79 34.02
CA MET A 134 3.14 -14.05 33.66
C MET A 134 3.74 -12.87 32.92
N ARG A 135 2.98 -12.26 32.02
CA ARG A 135 3.47 -11.10 31.28
C ARG A 135 3.67 -9.89 32.20
N HIS A 136 2.70 -9.64 33.10
CA HIS A 136 2.88 -8.56 34.06
C HIS A 136 4.03 -8.86 35.02
N LYS A 137 4.20 -10.13 35.38
CA LYS A 137 5.34 -10.52 36.20
C LYS A 137 6.65 -10.25 35.49
N LEU A 138 6.75 -10.65 34.21
CA LEU A 138 7.98 -10.44 33.45
C LEU A 138 8.28 -8.96 33.25
N LYS A 139 7.26 -8.16 32.96
CA LYS A 139 7.52 -6.74 32.75
C LYS A 139 7.83 -6.02 34.05
N THR A 140 7.18 -6.41 35.15
CA THR A 140 7.46 -5.76 36.43
C THR A 140 8.85 -6.12 36.95
N ALA A 141 9.27 -7.37 36.76
CA ALA A 141 10.60 -7.78 37.20
C ALA A 141 11.70 -7.10 36.38
N PHE A 142 11.49 -6.98 35.08
CA PHE A 142 12.45 -6.27 34.24
C PHE A 142 12.53 -4.79 34.61
N LYS A 143 11.37 -4.17 34.86
CA LYS A 143 11.37 -2.77 35.27
C LYS A 143 12.10 -2.56 36.59
N ASN A 144 11.88 -3.46 37.55
CA ASN A 144 12.55 -3.32 38.84
C ASN A 144 14.05 -3.53 38.73
N PHE A 145 14.48 -4.47 37.88
CA PHE A 145 15.92 -4.69 37.71
C PHE A 145 16.57 -3.50 37.02
N ILE A 146 15.88 -2.88 36.05
CA ILE A 146 16.43 -1.72 35.37
C ILE A 146 16.59 -0.56 36.35
N GLU A 147 15.59 -0.33 37.19
CA GLU A 147 15.65 0.75 38.17
C GLU A 147 16.78 0.55 39.16
N LYS A 148 16.98 -0.70 39.62
CA LYS A 148 18.09 -0.99 40.52
C LYS A 148 19.43 -0.69 39.85
N VAL A 149 19.58 -1.09 38.60
CA VAL A 149 20.85 -0.88 37.90
C VAL A 149 21.07 0.60 37.60
N GLU A 150 20.03 1.28 37.12
CA GLU A 150 20.15 2.71 36.87
C GLU A 150 20.48 3.47 38.15
N ALA A 151 20.04 2.96 39.30
CA ALA A 151 20.45 3.55 40.58
C ALA A 151 21.91 3.27 40.88
N LEU A 152 22.38 2.05 40.59
CA LEU A 152 23.75 1.67 40.91
C LEU A 152 24.77 2.50 40.14
N THR A 153 24.50 2.75 38.86
CA THR A 153 25.48 3.46 38.02
C THR A 153 25.59 4.94 38.35
N LYS A 154 24.65 5.50 39.13
CA LYS A 154 24.60 6.93 39.42
C LYS A 154 24.52 7.74 38.13
N GLU A 155 23.53 7.38 37.29
CA GLU A 155 23.26 8.04 36.02
C GLU A 155 24.43 7.94 35.04
N GLU A 156 25.33 6.97 35.23
CA GLU A 156 26.38 6.73 34.25
C GLU A 156 25.81 6.13 32.97
N LEU A 157 24.81 5.26 33.10
CA LEU A 157 24.18 4.60 31.97
C LEU A 157 22.68 4.65 32.14
N GLU A 158 21.98 5.09 31.10
CA GLU A 158 20.52 5.15 31.11
C GLU A 158 19.96 4.15 30.10
N PHE A 159 19.00 3.35 30.56
CA PHE A 159 18.26 2.49 29.64
C PHE A 159 17.34 3.33 28.77
N GLU A 160 17.06 2.84 27.58
CA GLU A 160 16.17 3.52 26.64
C GLU A 160 15.07 2.58 26.21
N VAL A 161 13.84 3.09 26.19
CA VAL A 161 12.66 2.33 25.81
C VAL A 161 12.24 2.80 24.42
N PRO A 162 12.09 1.90 23.44
CA PRO A 162 11.69 2.33 22.10
C PRO A 162 10.31 2.95 22.09
N PHE A 163 10.12 3.90 21.17
CA PHE A 163 8.83 4.54 20.96
C PHE A 163 8.11 3.78 19.87
N ARG A 164 7.24 2.84 20.24
CA ARG A 164 6.51 2.06 19.25
C ARG A 164 5.56 2.92 18.44
N ASP A 165 5.17 4.09 18.97
CA ASP A 165 4.34 5.01 18.20
C ASP A 165 5.04 5.48 16.94
N LEU A 166 6.37 5.56 16.98
CA LEU A 166 7.17 6.02 15.85
C LEU A 166 7.71 4.89 14.99
N GLY A 167 7.33 3.64 15.29
CA GLY A 167 7.91 2.51 14.59
C GLY A 167 7.44 2.42 13.15
N PHE A 168 8.20 1.64 12.38
CA PHE A 168 7.88 1.40 10.98
C PHE A 168 8.48 0.06 10.57
N ASN A 169 7.94 -0.50 9.49
CA ASN A 169 8.39 -1.79 8.96
C ASN A 169 9.36 -1.57 7.82
N GLY A 170 10.54 -2.21 7.92
CA GLY A 170 11.57 -2.10 6.91
C GLY A 170 12.41 -3.36 6.89
N ALA A 171 13.26 -3.46 5.86
CA ALA A 171 14.07 -4.66 5.62
C ALA A 171 15.53 -4.28 5.44
N PRO A 172 16.24 -4.02 6.54
CA PRO A 172 17.68 -3.77 6.44
C PRO A 172 18.48 -5.06 6.25
N TYR A 173 18.09 -6.11 6.97
CA TYR A 173 18.83 -7.36 7.02
C TYR A 173 18.14 -8.47 6.21
N ARG A 174 17.46 -8.09 5.12
CA ARG A 174 16.70 -9.04 4.30
C ARG A 174 15.65 -9.77 5.12
N SER A 175 14.95 -9.02 5.98
CA SER A 175 13.84 -9.56 6.76
C SER A 175 13.00 -8.39 7.25
N THR A 176 11.71 -8.38 6.91
CA THR A 176 10.84 -7.25 7.21
C THR A 176 10.51 -7.25 8.70
N CYS A 177 11.16 -6.36 9.45
CA CYS A 177 10.99 -6.24 10.89
C CYS A 177 10.47 -4.85 11.25
N LEU A 178 10.34 -4.61 12.55
CA LEU A 178 9.83 -3.34 13.07
C LEU A 178 10.98 -2.56 13.70
N LEU A 179 11.23 -1.36 13.20
CA LEU A 179 12.28 -0.49 13.71
C LEU A 179 11.65 0.63 14.52
N GLN A 180 12.11 0.81 15.75
CA GLN A 180 11.55 1.78 16.66
C GLN A 180 12.62 2.77 17.10
N PRO A 181 12.40 4.07 16.91
CA PRO A 181 13.36 5.05 17.44
C PRO A 181 13.40 5.04 18.96
N THR A 182 14.57 5.38 19.49
CA THR A 182 14.72 5.70 20.91
C THR A 182 15.23 7.14 21.01
N SER A 183 15.54 7.57 22.24
CA SER A 183 16.09 8.90 22.43
C SER A 183 17.40 9.08 21.67
N SER A 184 18.18 8.00 21.54
CA SER A 184 19.52 8.09 20.99
C SER A 184 19.73 7.28 19.71
N ALA A 185 18.81 6.39 19.33
CA ALA A 185 19.11 5.48 18.23
C ALA A 185 17.82 4.99 17.58
N LEU A 186 17.98 4.43 16.38
CA LEU A 186 16.96 3.64 15.73
C LEU A 186 17.29 2.17 15.95
N VAL A 187 16.30 1.39 16.43
CA VAL A 187 16.56 0.11 17.04
C VAL A 187 15.53 -0.91 16.58
N ASN A 188 15.99 -2.14 16.32
CA ASN A 188 15.13 -3.33 16.28
C ASN A 188 15.90 -4.47 16.94
N ALA A 189 15.49 -4.85 18.14
CA ALA A 189 16.19 -5.87 18.92
C ALA A 189 15.37 -7.13 19.12
N THR A 190 14.26 -7.29 18.40
CA THR A 190 13.46 -8.49 18.50
C THR A 190 13.98 -9.62 17.63
N GLU A 191 14.79 -9.30 16.62
CA GLU A 191 15.28 -10.30 15.68
C GLU A 191 16.80 -10.24 15.63
N TRP A 192 17.44 -11.40 15.76
CA TRP A 192 18.88 -11.51 15.59
C TRP A 192 19.22 -11.78 14.12
N PRO A 193 20.14 -11.04 13.51
CA PRO A 193 20.96 -9.97 14.09
C PRO A 193 20.21 -8.66 14.34
N PRO A 194 20.59 -7.94 15.39
CA PRO A 194 19.90 -6.69 15.72
C PRO A 194 20.37 -5.52 14.87
N PHE A 195 19.51 -4.51 14.80
CA PHE A 195 19.76 -3.28 14.06
C PHE A 195 19.86 -2.12 15.05
N VAL A 196 21.06 -1.57 15.22
CA VAL A 196 21.27 -0.42 16.06
C VAL A 196 22.03 0.63 15.26
N VAL A 197 21.45 1.81 15.11
CA VAL A 197 22.10 2.92 14.44
C VAL A 197 21.99 4.14 15.33
N THR A 198 23.13 4.71 15.73
CA THR A 198 23.13 5.87 16.59
C THR A 198 22.72 7.11 15.82
N LEU A 199 21.72 7.82 16.34
CA LEU A 199 21.22 9.01 15.67
C LEU A 199 22.31 10.07 15.56
N ASP A 200 23.16 10.18 16.58
CA ASP A 200 24.22 11.18 16.55
C ASP A 200 25.18 10.97 15.40
N GLU A 201 25.36 9.72 14.98
CA GLU A 201 26.33 9.36 13.96
C GLU A 201 25.78 9.50 12.54
N VAL A 202 24.60 10.09 12.38
CA VAL A 202 23.95 10.17 11.07
C VAL A 202 24.20 11.56 10.50
N GLU A 203 24.87 11.61 9.34
CA GLU A 203 25.07 12.87 8.64
C GLU A 203 23.76 13.38 8.05
N LEU A 204 23.04 12.51 7.35
CA LEU A 204 21.80 12.87 6.68
C LEU A 204 21.07 11.59 6.28
N ILE A 205 19.88 11.77 5.70
CA ILE A 205 19.07 10.66 5.19
C ILE A 205 18.70 10.97 3.75
N HIS A 206 18.75 9.95 2.90
CA HIS A 206 18.27 10.05 1.53
C HIS A 206 17.26 8.94 1.28
N PHE A 207 16.12 9.30 0.70
CA PHE A 207 15.06 8.36 0.40
C PHE A 207 15.07 8.07 -1.10
N GLU A 208 15.17 6.79 -1.46
CA GLU A 208 15.22 6.37 -2.84
C GLU A 208 13.93 5.67 -3.25
N ARG A 209 13.70 5.63 -4.56
CA ARG A 209 12.51 5.02 -5.16
C ARG A 209 11.23 5.63 -4.59
N VAL A 210 11.19 6.94 -4.48
CA VAL A 210 10.03 7.67 -4.01
C VAL A 210 9.34 8.26 -5.24
N GLN A 211 8.19 7.70 -5.60
CA GLN A 211 7.42 8.19 -6.74
C GLN A 211 5.99 7.69 -6.60
N PHE A 212 5.10 8.26 -7.40
CA PHE A 212 3.71 7.81 -7.44
C PHE A 212 3.66 6.38 -7.93
N HIS A 213 2.59 5.68 -7.56
CA HIS A 213 2.23 4.32 -7.97
C HIS A 213 3.14 3.26 -7.34
N LEU A 214 4.04 3.65 -6.46
CA LEU A 214 4.89 2.72 -5.72
C LEU A 214 4.35 2.58 -4.31
N LYS A 215 4.26 1.35 -3.83
CA LYS A 215 3.81 1.07 -2.47
C LYS A 215 4.96 0.85 -1.49
N ASN A 216 6.21 1.02 -1.94
CA ASN A 216 7.38 0.81 -1.08
C ASN A 216 8.47 1.79 -1.48
N PHE A 217 9.47 1.92 -0.60
CA PHE A 217 10.62 2.78 -0.87
C PHE A 217 11.80 2.28 -0.04
N ASP A 218 13.00 2.67 -0.47
CA ASP A 218 14.22 2.40 0.25
C ASP A 218 14.66 3.65 1.02
N MET A 219 15.20 3.43 2.21
CA MET A 219 15.72 4.50 3.05
C MET A 219 17.22 4.31 3.24
N VAL A 220 17.99 5.35 2.91
CA VAL A 220 19.45 5.28 2.95
C VAL A 220 19.95 6.13 4.11
N ILE A 221 20.80 5.54 4.94
CA ILE A 221 21.40 6.21 6.09
C ILE A 221 22.86 6.48 5.76
N VAL A 222 23.25 7.75 5.74
CA VAL A 222 24.62 8.17 5.47
C VAL A 222 25.21 8.69 6.78
N TYR A 223 26.40 8.19 7.13
CA TYR A 223 27.05 8.53 8.38
C TYR A 223 28.00 9.70 8.21
N LYS A 224 28.26 10.41 9.32
CA LYS A 224 29.25 11.48 9.30
C LYS A 224 30.64 10.93 9.03
N ASP A 225 30.87 9.66 9.33
CA ASP A 225 32.10 8.97 8.97
C ASP A 225 31.94 8.42 7.56
N TYR A 226 32.66 9.01 6.61
CA TYR A 226 32.40 8.73 5.20
C TYR A 226 33.04 7.44 4.71
N SER A 227 33.97 6.86 5.47
CA SER A 227 34.49 5.54 5.11
C SER A 227 33.45 4.45 5.37
N LYS A 228 32.56 4.68 6.34
CA LYS A 228 31.50 3.73 6.64
C LYS A 228 30.52 3.62 5.48
N LYS A 229 30.25 2.40 5.03
CA LYS A 229 29.25 2.20 4.00
C LYS A 229 27.88 2.63 4.51
N VAL A 230 27.05 3.12 3.59
CA VAL A 230 25.71 3.52 3.98
C VAL A 230 24.92 2.31 4.43
N THR A 231 23.79 2.58 5.09
CA THR A 231 22.90 1.53 5.57
C THR A 231 21.57 1.63 4.83
N MET A 232 21.11 0.51 4.31
CA MET A 232 19.86 0.43 3.56
C MET A 232 18.75 -0.13 4.43
N ILE A 233 17.58 0.50 4.35
CA ILE A 233 16.34 -0.04 4.91
C ILE A 233 15.37 -0.16 3.74
N ASN A 234 15.18 -1.38 3.24
CA ASN A 234 14.45 -1.57 2.00
C ASN A 234 12.97 -1.88 2.27
N ALA A 235 12.13 -1.46 1.33
CA ALA A 235 10.71 -1.84 1.26
C ALA A 235 9.96 -1.43 2.53
N ILE A 236 9.89 -0.11 2.73
CA ILE A 236 9.02 0.47 3.75
C ILE A 236 7.73 0.88 3.07
N PRO A 237 6.56 0.62 3.66
CA PRO A 237 5.31 1.10 3.05
C PRO A 237 5.32 2.62 2.90
N VAL A 238 4.73 3.10 1.81
CA VAL A 238 4.69 4.53 1.56
C VAL A 238 3.93 5.27 2.65
N ALA A 239 3.00 4.57 3.32
CA ALA A 239 2.24 5.18 4.40
C ALA A 239 3.12 5.58 5.58
N SER A 240 4.31 4.98 5.70
CA SER A 240 5.21 5.28 6.80
C SER A 240 6.19 6.40 6.47
N LEU A 241 6.15 6.95 5.25
CA LEU A 241 7.13 7.95 4.85
C LEU A 241 6.97 9.24 5.64
N ASP A 242 5.81 9.88 5.52
CA ASP A 242 5.56 11.13 6.23
C ASP A 242 5.78 11.01 7.74
N PRO A 243 5.33 9.96 8.43
CA PRO A 243 5.67 9.83 9.86
C PRO A 243 7.17 9.81 10.13
N ILE A 244 7.92 9.00 9.36
CA ILE A 244 9.36 8.93 9.56
C ILE A 244 10.00 10.31 9.35
N LYS A 245 9.57 11.02 8.32
CA LYS A 245 10.10 12.37 8.05
C LYS A 245 9.94 13.27 9.25
N GLU A 246 8.75 13.25 9.88
CA GLU A 246 8.48 14.10 11.03
C GLU A 246 9.40 13.75 12.20
N TRP A 247 9.58 12.44 12.46
CA TRP A 247 10.49 12.03 13.52
C TRP A 247 11.90 12.51 13.27
N LEU A 248 12.35 12.49 12.01
CA LEU A 248 13.66 13.03 11.68
C LEU A 248 13.73 14.53 12.00
N ASN A 249 12.66 15.26 11.72
CA ASN A 249 12.63 16.68 12.06
C ASN A 249 12.72 16.92 13.56
N SER A 250 12.31 15.95 14.37
CA SER A 250 12.42 16.08 15.81
C SER A 250 13.82 15.77 16.32
N CYS A 251 14.65 15.09 15.52
CA CYS A 251 16.04 14.83 15.87
C CYS A 251 17.01 15.62 15.00
N ASP A 252 16.52 16.59 14.23
CA ASP A 252 17.35 17.52 13.47
C ASP A 252 18.25 16.78 12.47
N LEU A 253 17.65 15.85 11.73
CA LEU A 253 18.34 15.07 10.71
C LEU A 253 17.78 15.46 9.35
N LYS A 254 18.64 15.94 8.47
CA LYS A 254 18.21 16.41 7.17
C LYS A 254 17.96 15.24 6.22
N TYR A 255 16.88 15.34 5.44
CA TYR A 255 16.47 14.27 4.55
C TYR A 255 16.21 14.80 3.15
N THR A 256 16.44 13.94 2.16
CA THR A 256 16.23 14.26 0.75
C THR A 256 15.46 13.13 0.10
N GLU A 257 15.01 13.36 -1.13
CA GLU A 257 14.22 12.38 -1.88
C GLU A 257 14.84 12.12 -3.24
N GLY A 258 14.55 10.95 -3.79
CA GLY A 258 15.06 10.57 -5.09
C GLY A 258 14.32 9.43 -5.73
N VAL A 259 13.96 9.57 -7.01
CA VAL A 259 13.29 8.49 -7.71
C VAL A 259 14.25 7.34 -7.98
N GLN A 260 15.49 7.66 -8.32
CA GLN A 260 16.47 6.65 -8.75
C GLN A 260 17.36 6.25 -7.57
N SER A 261 17.62 4.94 -7.46
CA SER A 261 18.58 4.45 -6.49
C SER A 261 20.00 4.77 -6.93
N LEU A 262 20.86 5.07 -5.96
CA LEU A 262 22.18 5.61 -6.22
C LEU A 262 23.27 4.62 -5.78
N ASN A 263 24.38 4.64 -6.51
CA ASN A 263 25.54 3.81 -6.21
C ASN A 263 26.30 4.45 -5.06
N TRP A 264 25.90 4.11 -3.83
CA TRP A 264 26.45 4.78 -2.65
C TRP A 264 27.89 4.37 -2.39
N THR A 265 28.26 3.12 -2.69
CA THR A 265 29.65 2.71 -2.53
C THR A 265 30.58 3.50 -3.45
N LYS A 266 30.13 3.77 -4.68
CA LYS A 266 30.91 4.62 -5.58
C LYS A 266 30.91 6.07 -5.11
N ILE A 267 29.76 6.57 -4.64
CA ILE A 267 29.68 7.96 -4.19
C ILE A 267 30.61 8.20 -3.02
N MET A 268 30.61 7.27 -2.04
CA MET A 268 31.49 7.41 -0.89
C MET A 268 32.96 7.39 -1.31
N LYS A 269 33.30 6.53 -2.27
CA LYS A 269 34.68 6.43 -2.73
C LYS A 269 35.14 7.72 -3.39
N THR A 270 34.30 8.30 -4.26
CA THR A 270 34.64 9.56 -4.89
C THR A 270 34.83 10.67 -3.87
N ILE A 271 34.02 10.65 -2.82
CA ILE A 271 34.13 11.67 -1.78
C ILE A 271 35.43 11.51 -1.01
N VAL A 272 35.74 10.28 -0.59
CA VAL A 272 36.90 10.09 0.29
C VAL A 272 38.22 10.31 -0.45
N ASP A 273 38.28 9.99 -1.74
CA ASP A 273 39.51 10.17 -2.50
C ASP A 273 39.77 11.62 -2.87
N ASP A 274 38.75 12.47 -2.86
CA ASP A 274 38.93 13.91 -3.03
C ASP A 274 37.89 14.63 -2.17
N PRO A 275 38.10 14.66 -0.85
CA PRO A 275 37.12 15.31 0.04
C PRO A 275 36.97 16.80 -0.21
N GLU A 276 37.96 17.45 -0.82
CA GLU A 276 37.90 18.89 -0.98
C GLU A 276 37.00 19.27 -2.16
N GLY A 277 37.27 18.70 -3.33
CA GLY A 277 36.48 19.02 -4.51
C GLY A 277 35.01 18.67 -4.40
N PHE A 278 34.66 17.79 -3.47
CA PHE A 278 33.26 17.43 -3.28
C PHE A 278 32.45 18.60 -2.74
N PHE A 279 33.01 19.34 -1.77
CA PHE A 279 32.30 20.48 -1.18
C PHE A 279 32.41 21.74 -2.03
N GLU A 280 33.24 21.73 -3.06
CA GLU A 280 33.37 22.87 -3.96
C GLU A 280 32.32 22.87 -5.06
N GLN A 281 31.83 21.68 -5.43
CA GLN A 281 30.64 21.60 -6.27
C GLN A 281 29.39 21.99 -5.50
N GLY A 282 29.46 22.01 -4.17
CA GLY A 282 28.33 22.42 -3.36
C GLY A 282 28.09 21.53 -2.15
N GLY A 283 28.96 20.54 -1.96
CA GLY A 283 28.74 19.57 -0.90
C GLY A 283 27.67 18.58 -1.29
N TRP A 284 26.66 18.44 -0.44
CA TRP A 284 25.52 17.57 -0.72
C TRP A 284 24.40 18.29 -1.48
N SER A 285 24.72 19.36 -2.20
CA SER A 285 23.70 20.08 -2.95
C SER A 285 23.09 19.23 -4.05
N PHE A 286 23.75 18.15 -4.46
CA PHE A 286 23.22 17.32 -5.54
C PHE A 286 21.99 16.53 -5.12
N LEU A 287 21.77 16.34 -3.81
CA LEU A 287 20.61 15.59 -3.34
C LEU A 287 19.31 16.39 -3.45
N GLU A 288 19.40 17.72 -3.42
CA GLU A 288 18.24 18.58 -3.42
C GLU A 288 18.15 19.35 -4.73
N PRO A 289 17.03 19.30 -5.44
CA PRO A 289 16.94 19.98 -6.75
C PRO A 289 17.15 21.49 -6.64
N GLU A 290 17.88 22.04 -7.61
CA GLU A 290 18.26 23.46 -7.65
C GLU A 290 18.69 24.02 -6.28
N GLU A 302 13.38 22.31 -19.04
CA GLU A 302 13.08 21.41 -20.14
C GLU A 302 11.63 20.95 -20.09
N SER A 303 11.22 20.41 -18.94
CA SER A 303 9.83 19.97 -18.77
C SER A 303 8.85 21.13 -18.82
N GLU A 304 9.29 22.34 -18.50
CA GLU A 304 8.39 23.50 -18.57
C GLU A 304 8.11 23.89 -20.02
N ILE A 305 9.13 23.80 -20.89
CA ILE A 305 8.95 24.18 -22.28
C ILE A 305 7.96 23.24 -22.98
N GLU A 306 8.08 21.94 -22.75
CA GLU A 306 7.26 20.97 -23.45
C GLU A 306 5.78 21.14 -23.13
N ASP A 307 5.45 21.22 -21.84
CA ASP A 307 4.06 21.34 -21.43
C ASP A 307 3.50 22.70 -21.84
N GLU A 308 2.20 22.73 -22.11
CA GLU A 308 1.52 23.94 -22.55
C GLU A 308 0.42 24.27 -21.55
N THR A 309 0.40 25.52 -21.10
CA THR A 309 -0.64 25.96 -20.15
C THR A 309 -1.99 26.06 -20.87
N PHE A 310 -3.05 25.73 -20.14
CA PHE A 310 -4.37 25.67 -20.73
C PHE A 310 -4.86 27.06 -21.15
N ASN A 311 -5.51 27.10 -22.31
CA ASN A 311 -6.17 28.29 -22.84
C ASN A 311 -7.51 27.88 -23.42
N PRO A 312 -8.49 28.79 -23.45
CA PRO A 312 -9.77 28.45 -24.07
C PRO A 312 -9.59 28.05 -25.53
N SER A 313 -10.18 26.91 -25.90
CA SER A 313 -10.03 26.37 -27.24
C SER A 313 -11.32 25.68 -27.64
N GLU A 314 -11.54 25.60 -28.95
CA GLU A 314 -12.78 25.03 -29.51
C GLU A 314 -14.02 25.64 -28.89
N ASP A 315 -13.93 26.93 -28.54
CA ASP A 315 -15.02 27.69 -27.92
C ASP A 315 -15.42 26.97 -26.64
N ASP A 316 -16.70 26.65 -26.44
CA ASP A 316 -17.18 25.91 -25.29
C ASP A 316 -18.56 25.39 -25.63
N TYR A 317 -19.05 24.46 -24.80
CA TYR A 317 -20.41 23.98 -25.00
C TYR A 317 -21.40 25.11 -24.79
N GLU A 318 -22.50 25.06 -25.55
CA GLU A 318 -23.48 26.13 -25.50
C GLU A 318 -24.15 26.22 -24.14
N GLU A 319 -24.45 25.07 -23.53
CA GLU A 319 -25.05 24.99 -22.20
C GLU A 319 -26.41 25.66 -22.13
N GLU A 320 -26.97 26.04 -23.28
CA GLU A 320 -28.24 26.76 -23.36
C GLU A 320 -29.38 25.86 -23.84
N GLU A 321 -29.19 24.54 -23.78
CA GLU A 321 -30.23 23.62 -24.21
C GLU A 321 -31.45 23.68 -23.30
N GLU A 322 -31.23 23.67 -22.00
CA GLU A 322 -32.25 23.89 -20.96
C GLU A 322 -33.31 22.78 -21.07
N ASP A 323 -34.58 23.10 -20.82
CA ASP A 323 -35.70 22.16 -20.75
C ASP A 323 -35.60 21.24 -19.53
N SER A 324 -36.74 20.73 -19.08
CA SER A 324 -36.80 19.86 -17.92
C SER A 324 -38.10 19.06 -17.97
N ASP A 325 -38.16 18.00 -17.18
CA ASP A 325 -39.33 17.13 -17.17
C ASP A 325 -40.57 17.88 -16.71
N GLU A 326 -40.42 18.74 -15.71
CA GLU A 326 -41.52 19.55 -15.15
C GLU A 326 -42.58 18.58 -14.64
N ASP A 327 -43.85 18.73 -15.03
CA ASP A 327 -44.91 17.84 -14.57
C ASP A 327 -45.02 16.62 -15.47
N ASP B 7 25.96 -17.11 -7.23
CA ASP B 7 24.57 -17.07 -6.79
C ASP B 7 23.68 -16.36 -7.80
N GLY B 8 23.65 -15.03 -7.72
CA GLY B 8 22.79 -14.24 -8.58
C GLY B 8 23.53 -13.19 -9.41
N GLU B 9 22.99 -11.97 -9.44
CA GLU B 9 23.55 -10.90 -10.25
C GLU B 9 23.18 -9.57 -9.62
N GLU B 10 24.19 -8.80 -9.21
CA GLU B 10 23.96 -7.52 -8.56
C GLU B 10 23.35 -6.52 -9.54
N LEU B 11 22.56 -5.58 -8.99
CA LEU B 11 21.96 -4.51 -9.79
C LEU B 11 22.48 -3.13 -9.43
N ILE B 12 23.12 -2.96 -8.28
CA ILE B 12 23.61 -1.66 -7.82
C ILE B 12 25.11 -1.78 -7.69
N GLY B 13 25.83 -1.28 -8.69
CA GLY B 13 27.28 -1.32 -8.69
C GLY B 13 27.82 -0.52 -9.84
N ASP B 14 29.13 -0.58 -10.01
CA ASP B 14 29.76 0.12 -11.12
C ASP B 14 29.27 -0.47 -12.44
N GLY B 15 29.04 0.42 -13.41
CA GLY B 15 28.38 0.03 -14.65
C GLY B 15 26.87 0.03 -14.59
N MET B 16 26.28 0.44 -13.46
CA MET B 16 24.84 0.58 -13.37
C MET B 16 24.31 1.53 -14.44
N GLU B 17 25.07 2.58 -14.74
CA GLU B 17 24.63 3.61 -15.67
C GLU B 17 24.57 3.10 -17.11
N ARG B 18 25.24 1.99 -17.41
CA ARG B 18 25.30 1.51 -18.79
C ARG B 18 23.91 1.20 -19.35
N ASP B 19 22.99 0.75 -18.50
CA ASP B 19 21.63 0.48 -18.97
C ASP B 19 20.90 1.75 -19.38
N TYR B 20 21.21 2.88 -18.74
CA TYR B 20 20.51 4.13 -19.00
C TYR B 20 21.26 4.98 -20.03
N ARG B 21 21.40 4.44 -21.24
CA ARG B 21 21.89 5.19 -22.38
C ARG B 21 20.74 5.53 -23.32
N ALA B 22 20.74 6.76 -23.81
CA ALA B 22 19.73 7.21 -24.75
C ALA B 22 20.10 6.71 -26.15
N ILE B 23 19.30 5.79 -26.67
CA ILE B 23 19.52 5.24 -28.01
C ILE B 23 18.39 5.75 -28.91
N PRO B 24 18.62 6.85 -29.65
CA PRO B 24 17.51 7.51 -30.36
C PRO B 24 16.79 6.62 -31.36
N GLU B 25 17.50 5.68 -31.99
CA GLU B 25 16.84 4.80 -32.96
C GLU B 25 15.79 3.90 -32.31
N LEU B 26 15.84 3.74 -30.99
CA LEU B 26 14.88 2.89 -30.28
C LEU B 26 14.06 3.64 -29.25
N ASP B 27 14.30 4.93 -29.03
CA ASP B 27 13.61 5.69 -28.01
C ASP B 27 12.26 6.24 -28.47
N ALA B 28 11.90 6.05 -29.73
CA ALA B 28 10.67 6.63 -30.27
C ALA B 28 9.88 5.56 -31.02
N TYR B 29 8.56 5.76 -31.07
CA TYR B 29 7.69 4.85 -31.80
C TYR B 29 7.85 5.03 -33.30
N GLU B 30 7.94 3.92 -34.01
CA GLU B 30 7.97 3.96 -35.46
C GLU B 30 6.56 3.96 -36.02
N ALA B 31 6.42 4.43 -37.26
CA ALA B 31 5.13 4.65 -37.89
C ALA B 31 4.78 3.59 -38.93
N GLU B 32 5.40 2.41 -38.86
CA GLU B 32 5.12 1.34 -39.81
C GLU B 32 3.67 0.90 -39.77
N GLY B 33 3.24 0.31 -38.65
CA GLY B 33 1.85 -0.08 -38.48
C GLY B 33 1.05 1.02 -37.82
N LEU B 34 1.75 1.95 -37.17
CA LEU B 34 1.09 3.08 -36.53
C LEU B 34 0.36 3.91 -37.57
N ALA B 35 -0.90 4.20 -37.32
CA ALA B 35 -1.73 4.95 -38.24
C ALA B 35 -2.40 6.11 -37.50
N LEU B 36 -2.54 7.22 -38.19
CA LEU B 36 -3.10 8.44 -37.63
C LEU B 36 -4.36 8.79 -38.40
N ASP B 37 -5.48 8.91 -37.67
CA ASP B 37 -6.78 9.05 -38.30
C ASP B 37 -6.98 10.42 -38.93
N ASP B 38 -6.53 11.48 -38.25
CA ASP B 38 -6.93 12.85 -38.57
C ASP B 38 -8.45 12.98 -38.55
N GLU B 39 -9.03 12.63 -37.41
CA GLU B 39 -10.45 12.73 -37.11
C GLU B 39 -11.28 11.70 -37.89
N ASP B 40 -10.62 10.72 -38.52
CA ASP B 40 -11.35 9.69 -39.25
C ASP B 40 -11.98 8.67 -38.29
N VAL B 41 -11.27 8.28 -37.24
CA VAL B 41 -11.88 7.33 -36.31
C VAL B 41 -12.97 8.04 -35.51
N GLU B 42 -13.84 7.23 -34.91
CA GLU B 42 -14.97 7.73 -34.16
C GLU B 42 -14.90 7.28 -32.71
N GLU B 43 -15.51 8.07 -31.84
CA GLU B 43 -15.61 7.67 -30.44
C GLU B 43 -16.50 6.44 -30.33
N LEU B 44 -16.13 5.56 -29.39
CA LEU B 44 -16.89 4.34 -29.19
C LEU B 44 -18.24 4.67 -28.57
N THR B 45 -19.29 4.05 -29.11
CA THR B 45 -20.65 4.32 -28.68
C THR B 45 -21.03 3.48 -27.47
N ALA B 46 -21.84 4.07 -26.58
CA ALA B 46 -22.13 3.43 -25.30
C ALA B 46 -22.74 2.04 -25.48
N SER B 47 -23.73 1.93 -26.38
CA SER B 47 -24.38 0.63 -26.58
C SER B 47 -23.40 -0.42 -27.07
N GLN B 48 -22.51 -0.04 -27.99
CA GLN B 48 -21.49 -0.97 -28.45
C GLN B 48 -20.58 -1.39 -27.31
N ARG B 49 -20.25 -0.46 -26.40
CA ARG B 49 -19.41 -0.81 -25.26
C ARG B 49 -20.12 -1.80 -24.33
N GLU B 50 -21.42 -1.59 -24.09
CA GLU B 50 -22.17 -2.53 -23.27
C GLU B 50 -22.21 -3.91 -23.91
N ALA B 51 -22.48 -3.97 -25.21
CA ALA B 51 -22.53 -5.25 -25.91
C ALA B 51 -21.16 -5.93 -25.92
N ALA B 52 -20.09 -5.14 -26.05
CA ALA B 52 -18.73 -5.68 -26.01
C ALA B 52 -18.42 -6.28 -24.65
N GLU B 53 -18.82 -5.58 -23.58
CA GLU B 53 -18.60 -6.13 -22.24
C GLU B 53 -19.40 -7.40 -22.04
N ARG B 54 -20.63 -7.46 -22.57
CA ARG B 54 -21.41 -8.68 -22.46
C ARG B 54 -20.73 -9.83 -23.21
N ALA B 55 -20.23 -9.57 -24.41
CA ALA B 55 -19.55 -10.61 -25.18
C ALA B 55 -18.27 -11.07 -24.49
N MET B 56 -17.53 -10.13 -23.89
CA MET B 56 -16.31 -10.51 -23.18
C MET B 56 -16.63 -11.33 -21.93
N ARG B 57 -17.73 -10.99 -21.25
CA ARG B 57 -18.15 -11.81 -20.11
C ARG B 57 -18.51 -13.22 -20.57
N GLN B 58 -19.21 -13.35 -21.69
CA GLN B 58 -19.51 -14.66 -22.23
C GLN B 58 -18.24 -15.43 -22.59
N ARG B 59 -17.27 -14.73 -23.18
CA ARG B 59 -16.00 -15.36 -23.53
C ARG B 59 -15.27 -15.84 -22.27
N ASP B 60 -15.30 -15.04 -21.21
CA ASP B 60 -14.64 -15.43 -19.97
C ASP B 60 -15.33 -16.62 -19.31
N ARG B 61 -16.67 -16.67 -19.39
CA ARG B 61 -17.39 -17.75 -18.72
C ARG B 61 -17.02 -19.11 -19.31
N GLU B 62 -16.91 -19.19 -20.63
CA GLU B 62 -16.62 -20.46 -21.29
C GLU B 62 -15.22 -20.99 -21.02
N ALA B 63 -14.33 -20.16 -20.48
CA ALA B 63 -12.97 -20.57 -20.16
C ALA B 63 -12.72 -20.63 -18.65
N GLY B 64 -13.01 -19.55 -17.94
CA GLY B 64 -12.79 -19.51 -16.50
C GLY B 64 -12.73 -18.11 -15.93
N LYS C 2 -24.46 -25.70 3.03
CA LYS C 2 -24.24 -26.99 2.39
C LYS C 2 -23.04 -27.71 2.99
N SER C 3 -21.93 -27.71 2.25
CA SER C 3 -20.71 -28.38 2.70
C SER C 3 -20.00 -27.58 3.79
N THR C 4 -20.16 -26.26 3.79
CA THR C 4 -19.47 -25.42 4.75
C THR C 4 -20.00 -25.70 6.16
N GLU C 5 -19.08 -25.89 7.10
CA GLU C 5 -19.41 -26.02 8.51
C GLU C 5 -19.17 -24.69 9.21
N LEU C 6 -20.09 -24.33 10.10
CA LEU C 6 -19.98 -23.06 10.82
C LEU C 6 -19.08 -23.26 12.03
N LEU C 7 -17.79 -22.93 11.89
CA LEU C 7 -16.85 -23.12 12.98
C LEU C 7 -17.08 -22.10 14.09
N ILE C 8 -17.28 -20.84 13.73
CA ILE C 8 -17.45 -19.79 14.73
C ILE C 8 -18.82 -19.93 15.38
N ARG C 9 -18.85 -19.85 16.71
CA ARG C 9 -20.12 -19.93 17.43
C ARG C 9 -20.99 -18.73 17.08
N LYS C 10 -22.28 -19.01 16.86
CA LYS C 10 -23.19 -18.00 16.30
C LYS C 10 -23.40 -16.84 17.25
N LEU C 11 -23.50 -17.12 18.57
CA LEU C 11 -23.84 -16.06 19.51
C LEU C 11 -22.74 -15.02 19.64
N PRO C 12 -21.48 -15.37 19.95
CA PRO C 12 -20.45 -14.31 20.06
C PRO C 12 -20.24 -13.54 18.78
N PHE C 13 -20.38 -14.19 17.62
CA PHE C 13 -20.27 -13.46 16.36
C PHE C 13 -21.40 -12.44 16.22
N GLN C 14 -22.63 -12.83 16.61
CA GLN C 14 -23.75 -11.90 16.55
C GLN C 14 -23.56 -10.74 17.52
N ARG C 15 -22.92 -10.99 18.68
CA ARG C 15 -22.52 -9.90 19.55
C ARG C 15 -21.59 -8.94 18.84
N LEU C 16 -20.61 -9.48 18.10
CA LEU C 16 -19.64 -8.65 17.40
C LEU C 16 -20.31 -7.81 16.32
N VAL C 17 -21.26 -8.41 15.58
CA VAL C 17 -21.95 -7.66 14.52
C VAL C 17 -22.72 -6.49 15.11
N ARG C 18 -23.40 -6.70 16.25
CA ARG C 18 -24.15 -5.62 16.86
C ARG C 18 -23.25 -4.57 17.49
N GLU C 19 -22.06 -4.98 17.97
CA GLU C 19 -21.08 -3.98 18.41
C GLU C 19 -20.66 -3.08 17.26
N ILE C 20 -20.43 -3.67 16.09
CA ILE C 20 -20.03 -2.89 14.91
C ILE C 20 -21.12 -1.89 14.56
N ALA C 21 -22.37 -2.27 14.76
CA ALA C 21 -23.48 -1.32 14.57
C ALA C 21 -23.38 -0.17 15.55
N GLN C 22 -23.01 -0.45 16.80
CA GLN C 22 -22.93 0.59 17.82
C GLN C 22 -21.82 1.58 17.51
N ASP C 23 -20.67 1.09 17.04
CA ASP C 23 -19.55 1.98 16.73
C ASP C 23 -19.93 2.98 15.64
N PHE C 24 -20.66 2.52 14.62
CA PHE C 24 -21.11 3.39 13.54
C PHE C 24 -22.10 4.44 14.04
N LYS C 25 -22.73 4.20 15.20
CA LYS C 25 -23.67 5.12 15.83
C LYS C 25 -25.00 5.21 15.08
N THR C 26 -25.30 4.22 14.24
CA THR C 26 -26.57 4.14 13.54
C THR C 26 -27.32 2.91 14.04
N ASP C 27 -28.58 3.11 14.43
CA ASP C 27 -29.39 2.05 15.04
C ASP C 27 -30.22 1.36 13.96
N LEU C 28 -29.89 0.10 13.67
CA LEU C 28 -30.62 -0.69 12.69
C LEU C 28 -30.72 -2.12 13.19
N ARG C 29 -31.77 -2.82 12.76
CA ARG C 29 -31.95 -4.22 13.11
C ARG C 29 -31.30 -5.13 12.08
N PHE C 30 -30.91 -6.32 12.52
CA PHE C 30 -30.27 -7.30 11.66
C PHE C 30 -31.13 -8.56 11.60
N GLN C 31 -31.45 -8.99 10.37
CA GLN C 31 -32.11 -10.27 10.21
C GLN C 31 -31.16 -11.41 10.56
N SER C 32 -31.73 -12.53 11.00
CA SER C 32 -30.90 -13.71 11.29
C SER C 32 -30.18 -14.20 10.05
N SER C 33 -30.85 -14.15 8.90
CA SER C 33 -30.20 -14.51 7.64
C SER C 33 -29.03 -13.59 7.33
N ALA C 34 -29.17 -12.31 7.69
CA ALA C 34 -28.08 -11.35 7.48
C ALA C 34 -26.85 -11.73 8.30
N VAL C 35 -27.06 -12.09 9.58
CA VAL C 35 -25.93 -12.39 10.45
C VAL C 35 -25.22 -13.67 10.01
N MET C 36 -25.98 -14.66 9.55
CA MET C 36 -25.36 -15.91 9.11
C MET C 36 -24.57 -15.72 7.83
N ALA C 37 -25.08 -14.92 6.89
CA ALA C 37 -24.34 -14.61 5.68
C ALA C 37 -23.04 -13.89 6.02
N LEU C 38 -23.08 -13.00 7.02
CA LEU C 38 -21.86 -12.36 7.50
C LEU C 38 -20.90 -13.40 8.06
N GLN C 39 -21.41 -14.35 8.85
CA GLN C 39 -20.54 -15.35 9.46
C GLN C 39 -19.90 -16.25 8.40
N GLU C 40 -20.67 -16.66 7.40
CA GLU C 40 -20.11 -17.49 6.33
C GLU C 40 -19.01 -16.75 5.58
N ALA C 41 -19.26 -15.48 5.25
CA ALA C 41 -18.27 -14.69 4.50
C ALA C 41 -17.01 -14.46 5.34
N CYS C 42 -17.17 -14.16 6.63
CA CYS C 42 -16.01 -13.91 7.47
C CYS C 42 -15.15 -15.17 7.60
N GLU C 43 -15.79 -16.31 7.83
CA GLU C 43 -15.04 -17.56 7.95
C GLU C 43 -14.34 -17.90 6.64
N ALA C 44 -15.02 -17.73 5.50
CA ALA C 44 -14.41 -18.02 4.21
C ALA C 44 -13.24 -17.09 3.93
N TYR C 45 -13.40 -15.80 4.21
CA TYR C 45 -12.30 -14.86 4.02
C TYR C 45 -11.10 -15.22 4.89
N LEU C 46 -11.36 -15.59 6.14
CA LEU C 46 -10.27 -15.96 7.05
C LEU C 46 -9.56 -17.22 6.57
N VAL C 47 -10.32 -18.23 6.12
CA VAL C 47 -9.70 -19.45 5.61
C VAL C 47 -8.87 -19.14 4.36
N GLY C 48 -9.42 -18.34 3.45
CA GLY C 48 -8.67 -17.97 2.27
C GLY C 48 -7.42 -17.17 2.59
N LEU C 49 -7.53 -16.24 3.55
CA LEU C 49 -6.35 -15.51 4.01
C LEU C 49 -5.36 -16.45 4.69
N PHE C 50 -5.86 -17.42 5.45
CA PHE C 50 -4.96 -18.40 6.08
C PHE C 50 -4.26 -19.25 5.03
N GLU C 51 -4.93 -19.58 3.93
CA GLU C 51 -4.27 -20.32 2.86
C GLU C 51 -3.09 -19.53 2.29
N ASP C 52 -3.32 -18.25 1.98
CA ASP C 52 -2.24 -17.41 1.48
C ASP C 52 -1.17 -17.22 2.56
N THR C 53 -1.60 -17.15 3.83
CA THR C 53 -0.65 -17.04 4.93
C THR C 53 0.22 -18.29 5.03
N ASN C 54 -0.38 -19.47 4.89
CA ASN C 54 0.39 -20.71 4.93
C ASN C 54 1.36 -20.79 3.75
N LEU C 55 0.95 -20.27 2.59
CA LEU C 55 1.84 -20.19 1.45
C LEU C 55 3.08 -19.35 1.77
N CYS C 56 2.86 -18.22 2.46
CA CYS C 56 3.98 -17.37 2.86
C CYS C 56 4.90 -18.09 3.84
N ALA C 57 4.33 -18.86 4.77
CA ALA C 57 5.14 -19.57 5.74
C ALA C 57 5.99 -20.65 5.08
N ILE C 58 5.42 -21.35 4.09
CA ILE C 58 6.19 -22.35 3.34
C ILE C 58 7.37 -21.69 2.64
N HIS C 59 7.12 -20.53 2.02
CA HIS C 59 8.17 -19.81 1.32
C HIS C 59 9.33 -19.46 2.24
N ALA C 60 9.06 -19.26 3.53
CA ALA C 60 10.09 -18.97 4.51
C ALA C 60 10.69 -20.23 5.12
N LYS C 61 10.31 -21.41 4.62
CA LYS C 61 10.82 -22.69 5.13
C LYS C 61 10.47 -22.87 6.61
N ARG C 62 9.26 -22.46 6.98
CA ARG C 62 8.78 -22.55 8.36
C ARG C 62 7.47 -23.32 8.39
N VAL C 63 7.33 -24.22 9.37
CA VAL C 63 6.08 -24.96 9.52
C VAL C 63 5.04 -24.09 10.23
N THR C 64 5.46 -23.16 11.07
CA THR C 64 4.57 -22.36 11.89
C THR C 64 4.26 -21.05 11.21
N ILE C 65 3.01 -20.61 11.31
CA ILE C 65 2.61 -19.32 10.77
C ILE C 65 2.81 -18.26 11.84
N MET C 66 3.21 -17.07 11.41
CA MET C 66 3.49 -15.94 12.29
C MET C 66 2.81 -14.69 11.73
N PRO C 67 2.65 -13.65 12.55
CA PRO C 67 2.01 -12.42 12.05
C PRO C 67 2.71 -11.84 10.84
N LYS C 68 4.02 -12.07 10.71
CA LYS C 68 4.74 -11.69 9.51
C LYS C 68 4.05 -12.24 8.26
N ASP C 69 3.69 -13.51 8.30
CA ASP C 69 3.05 -14.15 7.15
C ASP C 69 1.72 -13.49 6.82
N ILE C 70 0.92 -13.20 7.85
CA ILE C 70 -0.40 -12.58 7.63
C ILE C 70 -0.24 -11.21 6.98
N GLN C 71 0.71 -10.42 7.49
CA GLN C 71 0.91 -9.07 6.98
C GLN C 71 1.36 -9.09 5.52
N LEU C 72 2.27 -10.00 5.17
CA LEU C 72 2.75 -10.08 3.79
C LEU C 72 1.61 -10.43 2.84
N ALA C 73 0.80 -11.43 3.20
CA ALA C 73 -0.29 -11.85 2.34
C ALA C 73 -1.31 -10.73 2.15
N ARG C 74 -1.65 -10.03 3.23
CA ARG C 74 -2.59 -8.92 3.13
C ARG C 74 -2.00 -7.78 2.31
N ARG C 75 -0.69 -7.55 2.45
CA ARG C 75 -0.02 -6.50 1.70
C ARG C 75 -0.08 -6.75 0.20
N ILE C 76 0.16 -7.99 -0.21
CA ILE C 76 0.09 -8.32 -1.63
C ILE C 76 -1.35 -8.28 -2.12
N ARG C 77 -2.29 -8.77 -1.30
CA ARG C 77 -3.69 -8.73 -1.67
C ARG C 77 -4.19 -7.31 -1.94
N GLY C 78 -3.59 -6.33 -1.27
CA GLY C 78 -4.01 -4.94 -1.43
C GLY C 78 -5.03 -4.52 -0.39
N GLU C 79 -4.84 -4.96 0.84
CA GLU C 79 -5.70 -4.59 1.95
C GLU C 79 -5.02 -3.52 2.80
N ARG C 80 -5.68 -3.11 3.87
CA ARG C 80 -5.14 -2.08 4.75
C ARG C 80 -4.98 -2.58 6.17
N ARG D 24 -17.42 -2.10 25.02
CA ARG D 24 -17.84 -3.37 24.43
C ARG D 24 -16.69 -4.03 23.67
N ASP D 25 -16.15 -5.11 24.23
CA ASP D 25 -15.08 -5.88 23.61
C ASP D 25 -15.63 -7.26 23.24
N ASN D 26 -16.23 -7.34 22.06
CA ASN D 26 -16.70 -8.61 21.51
C ASN D 26 -15.76 -9.16 20.44
N ILE D 27 -14.76 -8.40 20.02
CA ILE D 27 -13.69 -8.96 19.20
C ILE D 27 -12.80 -9.87 20.04
N GLN D 28 -12.87 -9.75 21.36
CA GLN D 28 -12.28 -10.75 22.24
C GLN D 28 -13.16 -12.00 22.33
N GLY D 29 -14.44 -11.87 22.00
CA GLY D 29 -15.38 -12.97 22.09
C GLY D 29 -15.30 -13.99 20.98
N ILE D 30 -14.52 -13.73 19.93
CA ILE D 30 -14.23 -14.75 18.93
C ILE D 30 -13.12 -15.62 19.48
N THR D 31 -13.45 -16.86 19.83
CA THR D 31 -12.60 -17.68 20.67
C THR D 31 -11.30 -18.06 19.97
N LYS D 32 -10.24 -18.22 20.76
CA LYS D 32 -9.01 -18.80 20.25
C LYS D 32 -9.23 -20.17 19.60
N PRO D 33 -10.02 -21.09 20.16
CA PRO D 33 -10.33 -22.32 19.41
C PRO D 33 -10.96 -22.06 18.05
N ALA D 34 -11.85 -21.07 17.94
CA ALA D 34 -12.46 -20.77 16.65
C ALA D 34 -11.41 -20.30 15.64
N ILE D 35 -10.46 -19.48 16.07
CA ILE D 35 -9.34 -19.12 15.21
C ILE D 35 -8.53 -20.36 14.86
N ARG D 36 -8.34 -21.25 15.84
CA ARG D 36 -7.60 -22.48 15.58
C ARG D 36 -8.31 -23.35 14.55
N ARG D 37 -9.64 -23.45 14.64
CA ARG D 37 -10.38 -24.26 13.66
C ARG D 37 -10.29 -23.65 12.26
N LEU D 38 -10.40 -22.33 12.15
CA LEU D 38 -10.34 -21.68 10.85
C LEU D 38 -9.00 -21.92 10.17
N ALA D 39 -7.91 -21.85 10.94
CA ALA D 39 -6.59 -22.15 10.39
C ALA D 39 -6.47 -23.63 10.02
N ARG D 40 -7.09 -24.52 10.79
CA ARG D 40 -7.04 -25.94 10.48
C ARG D 40 -7.70 -26.25 9.15
N ARG D 41 -8.84 -25.60 8.88
CA ARG D 41 -9.46 -25.72 7.56
C ARG D 41 -8.66 -25.02 6.48
N GLY D 42 -7.86 -24.01 6.85
CA GLY D 42 -7.03 -23.31 5.89
C GLY D 42 -5.72 -23.99 5.54
N GLY D 43 -5.40 -25.10 6.20
CA GLY D 43 -4.18 -25.82 5.93
C GLY D 43 -3.02 -25.49 6.86
N VAL D 44 -3.24 -24.65 7.87
CA VAL D 44 -2.18 -24.31 8.81
C VAL D 44 -1.92 -25.47 9.75
N LYS D 45 -0.66 -25.83 9.90
CA LYS D 45 -0.25 -26.90 10.81
C LYS D 45 0.18 -26.38 12.17
N ARG D 46 0.78 -25.19 12.24
CA ARG D 46 1.40 -24.71 13.45
C ARG D 46 1.25 -23.19 13.48
N ILE D 47 0.93 -22.64 14.65
CA ILE D 47 0.50 -21.25 14.76
C ILE D 47 1.28 -20.56 15.88
N SER D 48 1.78 -19.36 15.60
CA SER D 48 2.43 -18.54 16.61
C SER D 48 1.38 -17.91 17.53
N GLY D 49 1.83 -17.53 18.72
CA GLY D 49 0.91 -17.00 19.72
C GLY D 49 0.29 -15.68 19.32
N LEU D 50 1.06 -14.82 18.66
CA LEU D 50 0.58 -13.49 18.30
C LEU D 50 -0.51 -13.50 17.23
N ILE D 51 -0.76 -14.67 16.60
CA ILE D 51 -1.68 -14.73 15.47
C ILE D 51 -3.09 -14.32 15.89
N TYR D 52 -3.53 -14.79 17.06
CA TYR D 52 -4.92 -14.62 17.47
C TYR D 52 -5.34 -13.15 17.41
N GLU D 53 -4.54 -12.27 18.00
CA GLU D 53 -4.88 -10.85 18.00
C GLU D 53 -4.87 -10.29 16.58
N GLU D 54 -3.89 -10.68 15.77
CA GLU D 54 -3.84 -10.23 14.38
C GLU D 54 -5.06 -10.72 13.61
N THR D 55 -5.44 -11.99 13.82
CA THR D 55 -6.65 -12.51 13.18
C THR D 55 -7.88 -11.71 13.60
N ARG D 56 -7.99 -11.41 14.89
CA ARG D 56 -9.13 -10.66 15.40
C ARG D 56 -9.20 -9.28 14.76
N GLY D 57 -8.07 -8.56 14.71
CA GLY D 57 -8.06 -7.24 14.12
C GLY D 57 -8.39 -7.26 12.64
N VAL D 58 -7.88 -8.26 11.92
CA VAL D 58 -8.20 -8.41 10.50
C VAL D 58 -9.69 -8.66 10.32
N LEU D 59 -10.26 -9.54 11.15
CA LEU D 59 -11.68 -9.82 11.07
C LEU D 59 -12.51 -8.58 11.36
N LYS D 60 -12.14 -7.85 12.41
CA LYS D 60 -12.90 -6.64 12.74
C LYS D 60 -12.83 -5.61 11.62
N VAL D 61 -11.70 -5.55 10.91
CA VAL D 61 -11.62 -4.68 9.74
C VAL D 61 -12.57 -5.16 8.66
N PHE D 62 -12.53 -6.46 8.35
CA PHE D 62 -13.32 -6.97 7.23
C PHE D 62 -14.81 -6.88 7.52
N LEU D 63 -15.22 -7.33 8.71
CA LEU D 63 -16.63 -7.24 9.09
C LEU D 63 -17.11 -5.80 9.07
N GLU D 64 -16.25 -4.87 9.50
CA GLU D 64 -16.62 -3.46 9.52
C GLU D 64 -16.91 -2.95 8.11
N ASN D 65 -16.05 -3.29 7.14
CA ASN D 65 -16.24 -2.82 5.77
C ASN D 65 -17.56 -3.33 5.21
N VAL D 66 -17.90 -4.59 5.50
CA VAL D 66 -19.13 -5.16 4.97
C VAL D 66 -20.34 -4.54 5.64
N ILE D 67 -20.30 -4.41 6.98
CA ILE D 67 -21.44 -3.84 7.70
C ILE D 67 -21.63 -2.37 7.33
N ARG D 68 -20.53 -1.63 7.19
CA ARG D 68 -20.62 -0.24 6.72
C ARG D 68 -21.35 -0.16 5.39
N ASP D 69 -21.00 -1.05 4.46
CA ASP D 69 -21.68 -1.11 3.17
C ASP D 69 -23.11 -1.62 3.32
N ALA D 70 -23.31 -2.66 4.14
CA ALA D 70 -24.61 -3.30 4.22
C ALA D 70 -25.69 -2.35 4.73
N VAL D 71 -25.37 -1.56 5.77
CA VAL D 71 -26.36 -0.63 6.30
C VAL D 71 -26.67 0.47 5.29
N THR D 72 -25.72 0.79 4.40
CA THR D 72 -25.98 1.81 3.39
C THR D 72 -27.06 1.36 2.41
N TYR D 73 -27.09 0.07 2.08
CA TYR D 73 -28.17 -0.46 1.24
C TYR D 73 -29.51 -0.44 1.96
N THR D 74 -29.50 -0.78 3.26
CA THR D 74 -30.77 -0.94 3.99
C THR D 74 -31.55 0.37 4.04
N GLU D 75 -30.86 1.48 4.30
CA GLU D 75 -31.52 2.77 4.38
C GLU D 75 -31.77 3.41 3.03
N HIS D 76 -31.18 2.88 1.95
CA HIS D 76 -31.57 3.33 0.62
C HIS D 76 -32.99 2.87 0.29
N ALA D 77 -33.33 1.63 0.64
CA ALA D 77 -34.70 1.16 0.56
C ALA D 77 -35.58 1.75 1.65
N LYS D 78 -35.02 2.63 2.49
CA LYS D 78 -35.74 3.27 3.60
C LYS D 78 -36.28 2.21 4.57
N ARG D 79 -35.35 1.46 5.15
CA ARG D 79 -35.67 0.42 6.12
C ARG D 79 -34.72 0.53 7.30
N LYS D 80 -35.24 0.15 8.48
CA LYS D 80 -34.44 0.08 9.70
C LYS D 80 -33.96 -1.34 9.99
N THR D 81 -34.25 -2.30 9.12
CA THR D 81 -33.91 -3.70 9.34
C THR D 81 -33.03 -4.19 8.20
N VAL D 82 -31.80 -4.58 8.53
CA VAL D 82 -30.85 -5.08 7.53
C VAL D 82 -31.24 -6.51 7.16
N THR D 83 -31.49 -6.73 5.88
CA THR D 83 -31.89 -8.04 5.38
C THR D 83 -30.68 -8.80 4.83
N ALA D 84 -30.91 -10.07 4.50
CA ALA D 84 -29.85 -10.88 3.91
C ALA D 84 -29.42 -10.33 2.56
N MET D 85 -30.37 -9.80 1.79
CA MET D 85 -30.03 -9.23 0.49
C MET D 85 -29.12 -8.00 0.62
N ASP D 86 -29.22 -7.27 1.74
CA ASP D 86 -28.29 -6.19 1.99
C ASP D 86 -26.88 -6.71 2.20
N VAL D 87 -26.74 -7.85 2.87
CA VAL D 87 -25.42 -8.41 3.14
C VAL D 87 -24.77 -8.91 1.85
N VAL D 88 -25.56 -9.53 0.97
CA VAL D 88 -24.99 -10.13 -0.23
C VAL D 88 -24.51 -9.06 -1.20
N TYR D 89 -25.24 -7.94 -1.31
CA TYR D 89 -24.82 -6.88 -2.22
C TYR D 89 -23.58 -6.16 -1.72
N ALA D 90 -23.42 -6.06 -0.40
CA ALA D 90 -22.20 -5.47 0.16
C ALA D 90 -20.99 -6.34 -0.08
N LEU D 91 -21.16 -7.67 0.02
CA LEU D 91 -20.06 -8.59 -0.22
C LEU D 91 -19.56 -8.52 -1.67
N LYS D 92 -20.45 -8.17 -2.60
CA LYS D 92 -20.03 -8.03 -3.99
C LYS D 92 -19.02 -6.92 -4.15
N ARG D 93 -19.11 -5.88 -3.32
CA ARG D 93 -18.15 -4.77 -3.39
C ARG D 93 -16.75 -5.21 -2.99
N GLN D 94 -16.64 -6.10 -2.01
CA GLN D 94 -15.34 -6.50 -1.48
C GLN D 94 -14.84 -7.78 -2.14
N LYS E 2 14.32 12.05 -20.92
CA LYS E 2 14.97 11.82 -19.63
C LYS E 2 15.52 10.40 -19.55
N SER E 3 16.65 10.23 -18.85
CA SER E 3 17.28 8.92 -18.78
C SER E 3 16.65 8.03 -17.71
N THR E 4 16.24 8.62 -16.58
CA THR E 4 15.60 7.84 -15.53
C THR E 4 14.24 7.31 -15.96
N GLU E 5 13.47 8.14 -16.67
CA GLU E 5 12.09 7.80 -17.01
C GLU E 5 11.98 6.70 -18.06
N LEU E 6 13.05 6.45 -18.82
CA LEU E 6 13.02 5.46 -19.90
C LEU E 6 13.25 4.08 -19.30
N LEU E 7 12.16 3.41 -18.94
CA LEU E 7 12.23 2.08 -18.37
C LEU E 7 12.24 1.00 -19.46
N ILE E 8 11.24 1.01 -20.34
CA ILE E 8 11.16 0.08 -21.46
C ILE E 8 11.44 0.84 -22.74
N ARG E 9 12.35 0.32 -23.56
CA ARG E 9 12.56 0.88 -24.88
C ARG E 9 11.26 0.79 -25.68
N LYS E 10 10.90 1.90 -26.33
CA LYS E 10 9.59 1.97 -26.96
C LYS E 10 9.50 1.05 -28.18
N LEU E 11 10.54 1.00 -29.00
CA LEU E 11 10.44 0.25 -30.26
C LEU E 11 10.27 -1.25 -30.05
N PRO E 12 11.09 -1.94 -29.24
CA PRO E 12 10.84 -3.38 -29.05
C PRO E 12 9.48 -3.69 -28.44
N PHE E 13 8.95 -2.77 -27.62
CA PHE E 13 7.62 -2.98 -27.06
C PHE E 13 6.55 -2.93 -28.15
N GLN E 14 6.67 -1.99 -29.09
CA GLN E 14 5.65 -1.87 -30.12
C GLN E 14 5.72 -3.02 -31.11
N ARG E 15 6.92 -3.56 -31.38
CA ARG E 15 6.99 -4.79 -32.18
C ARG E 15 6.25 -5.93 -31.49
N LEU E 16 6.40 -6.03 -30.16
CA LEU E 16 5.73 -7.08 -29.41
C LEU E 16 4.22 -6.86 -29.38
N VAL E 17 3.76 -5.60 -29.33
CA VAL E 17 2.33 -5.32 -29.36
C VAL E 17 1.73 -5.77 -30.67
N ARG E 18 2.41 -5.49 -31.79
CA ARG E 18 1.89 -5.87 -33.10
C ARG E 18 1.94 -7.39 -33.30
N GLU E 19 2.97 -8.05 -32.75
CA GLU E 19 3.03 -9.50 -32.83
C GLU E 19 1.86 -10.16 -32.11
N ILE E 20 1.47 -9.59 -30.96
CA ILE E 20 0.25 -10.04 -30.30
C ILE E 20 -0.97 -9.62 -31.12
N ALA E 21 -0.92 -8.44 -31.75
CA ALA E 21 -2.06 -7.95 -32.52
C ALA E 21 -2.39 -8.88 -33.68
N GLN E 22 -1.42 -9.64 -34.18
CA GLN E 22 -1.66 -10.58 -35.28
C GLN E 22 -2.45 -11.81 -34.86
N ASP E 23 -2.96 -11.92 -33.65
CA ASP E 23 -3.65 -13.13 -33.20
C ASP E 23 -5.13 -12.93 -32.90
N PHE E 24 -5.62 -11.69 -32.89
CA PHE E 24 -7.02 -11.41 -32.63
C PHE E 24 -7.77 -10.84 -33.83
N LYS E 25 -7.17 -9.89 -34.53
CA LYS E 25 -7.69 -9.36 -35.79
C LYS E 25 -6.52 -9.29 -36.76
N THR E 26 -6.67 -9.92 -37.94
CA THR E 26 -5.52 -10.13 -38.81
C THR E 26 -4.92 -8.81 -39.30
N ASP E 27 -5.77 -7.85 -39.68
CA ASP E 27 -5.32 -6.53 -40.11
C ASP E 27 -5.73 -5.51 -39.05
N LEU E 28 -4.76 -4.94 -38.37
CA LEU E 28 -5.02 -3.96 -37.32
C LEU E 28 -4.06 -2.79 -37.44
N ARG E 29 -4.51 -1.64 -36.96
CA ARG E 29 -3.70 -0.44 -36.84
C ARG E 29 -3.88 0.10 -35.43
N PHE E 30 -2.81 0.63 -34.85
CA PHE E 30 -2.86 1.17 -33.50
C PHE E 30 -2.59 2.67 -33.53
N GLN E 31 -3.25 3.39 -32.62
CA GLN E 31 -2.99 4.81 -32.44
C GLN E 31 -1.72 5.01 -31.63
N SER E 32 -1.04 6.13 -31.87
CA SER E 32 0.16 6.45 -31.10
C SER E 32 -0.15 6.58 -29.62
N SER E 33 -1.27 7.22 -29.29
CA SER E 33 -1.68 7.35 -27.90
C SER E 33 -2.05 6.01 -27.30
N ALA E 34 -2.61 5.10 -28.09
CA ALA E 34 -2.99 3.78 -27.58
C ALA E 34 -1.77 2.98 -27.15
N VAL E 35 -0.73 2.96 -28.00
CA VAL E 35 0.48 2.22 -27.67
C VAL E 35 1.19 2.87 -26.49
N MET E 36 1.24 4.20 -26.46
CA MET E 36 1.89 4.88 -25.35
C MET E 36 1.20 4.58 -24.03
N ALA E 37 -0.14 4.54 -24.03
CA ALA E 37 -0.88 4.09 -22.85
C ALA E 37 -0.56 2.63 -22.53
N LEU E 38 -0.41 1.79 -23.56
CA LEU E 38 -0.07 0.39 -23.33
C LEU E 38 1.29 0.26 -22.65
N GLN E 39 2.29 0.99 -23.13
CA GLN E 39 3.61 0.91 -22.52
C GLN E 39 3.59 1.40 -21.08
N GLU E 40 2.89 2.51 -20.84
CA GLU E 40 2.78 3.03 -19.48
C GLU E 40 2.16 1.99 -18.54
N ALA E 41 1.07 1.34 -18.99
CA ALA E 41 0.40 0.36 -18.17
C ALA E 41 1.28 -0.87 -17.91
N CYS E 42 2.00 -1.33 -18.94
CA CYS E 42 2.87 -2.48 -18.75
C CYS E 42 3.97 -2.19 -17.75
N GLU E 43 4.57 -1.00 -17.81
CA GLU E 43 5.64 -0.65 -16.88
C GLU E 43 5.13 -0.60 -15.45
N ALA E 44 3.95 -0.02 -15.24
CA ALA E 44 3.42 0.11 -13.88
C ALA E 44 3.05 -1.24 -13.30
N TYR E 45 2.45 -2.11 -14.10
CA TYR E 45 2.07 -3.44 -13.61
C TYR E 45 3.31 -4.25 -13.25
N LEU E 46 4.34 -4.21 -14.09
CA LEU E 46 5.56 -4.96 -13.82
C LEU E 46 6.26 -4.44 -12.56
N VAL E 47 6.31 -3.12 -12.38
CA VAL E 47 6.90 -2.56 -11.18
C VAL E 47 6.12 -2.99 -9.94
N GLY E 48 4.79 -2.92 -10.00
CA GLY E 48 3.97 -3.37 -8.89
C GLY E 48 4.19 -4.84 -8.56
N LEU E 49 4.40 -5.67 -9.59
CA LEU E 49 4.70 -7.08 -9.36
C LEU E 49 6.11 -7.27 -8.81
N PHE E 50 7.07 -6.48 -9.29
CA PHE E 50 8.43 -6.57 -8.77
C PHE E 50 8.49 -6.18 -7.29
N GLU E 51 7.74 -5.16 -6.88
CA GLU E 51 7.69 -4.79 -5.47
C GLU E 51 7.19 -5.95 -4.62
N ASP E 52 6.07 -6.56 -5.03
CA ASP E 52 5.58 -7.73 -4.32
C ASP E 52 6.61 -8.85 -4.33
N THR E 53 7.33 -9.00 -5.45
CA THR E 53 8.35 -10.04 -5.55
C THR E 53 9.48 -9.82 -4.56
N ASN E 54 9.98 -8.57 -4.47
CA ASN E 54 11.03 -8.28 -3.50
C ASN E 54 10.53 -8.46 -2.08
N LEU E 55 9.25 -8.21 -1.83
CA LEU E 55 8.65 -8.53 -0.53
C LEU E 55 8.69 -10.03 -0.27
N CYS E 56 8.43 -10.84 -1.31
CA CYS E 56 8.50 -12.29 -1.16
C CYS E 56 9.93 -12.76 -0.97
N ALA E 57 10.88 -12.16 -1.69
CA ALA E 57 12.28 -12.55 -1.54
C ALA E 57 12.79 -12.20 -0.14
N ILE E 58 12.42 -11.03 0.36
CA ILE E 58 12.80 -10.65 1.73
C ILE E 58 12.26 -11.67 2.73
N HIS E 59 11.02 -12.12 2.51
CA HIS E 59 10.42 -13.12 3.39
C HIS E 59 11.22 -14.41 3.40
N ALA E 60 11.92 -14.71 2.30
CA ALA E 60 12.68 -15.94 2.17
C ALA E 60 14.13 -15.81 2.60
N LYS E 61 14.52 -14.67 3.16
CA LYS E 61 15.89 -14.42 3.63
C LYS E 61 16.90 -14.54 2.49
N ARG E 62 16.52 -14.02 1.31
CA ARG E 62 17.35 -14.06 0.12
C ARG E 62 17.43 -12.67 -0.47
N VAL E 63 18.65 -12.19 -0.73
CA VAL E 63 18.82 -10.90 -1.39
C VAL E 63 18.41 -10.99 -2.86
N THR E 64 18.49 -12.17 -3.46
CA THR E 64 18.23 -12.37 -4.88
C THR E 64 16.80 -12.87 -5.09
N ILE E 65 16.14 -12.35 -6.11
CA ILE E 65 14.78 -12.79 -6.43
C ILE E 65 14.84 -13.91 -7.46
N MET E 66 13.94 -14.87 -7.31
CA MET E 66 13.84 -16.06 -8.14
C MET E 66 12.43 -16.17 -8.71
N PRO E 67 12.24 -17.01 -9.73
CA PRO E 67 10.87 -17.27 -10.21
C PRO E 67 9.95 -17.83 -9.14
N LYS E 68 10.51 -18.44 -8.09
CA LYS E 68 9.71 -18.79 -6.92
C LYS E 68 8.94 -17.59 -6.40
N ASP E 69 9.64 -16.47 -6.21
CA ASP E 69 9.01 -15.27 -5.64
C ASP E 69 7.96 -14.70 -6.58
N ILE E 70 8.26 -14.65 -7.89
CA ILE E 70 7.32 -14.09 -8.85
C ILE E 70 6.01 -14.87 -8.85
N GLN E 71 6.12 -16.20 -8.85
CA GLN E 71 4.93 -17.04 -8.91
C GLN E 71 4.08 -16.90 -7.66
N LEU E 72 4.72 -16.79 -6.49
CA LEU E 72 3.99 -16.62 -5.24
C LEU E 72 3.22 -15.31 -5.22
N ALA E 73 3.86 -14.22 -5.67
CA ALA E 73 3.19 -12.92 -5.67
C ALA E 73 1.99 -12.93 -6.60
N ARG E 74 2.13 -13.53 -7.79
CA ARG E 74 1.01 -13.63 -8.72
C ARG E 74 -0.11 -14.50 -8.14
N ARG E 75 0.25 -15.60 -7.47
CA ARG E 75 -0.76 -16.48 -6.89
C ARG E 75 -1.59 -15.76 -5.84
N ILE E 76 -0.93 -14.99 -4.96
CA ILE E 76 -1.66 -14.24 -3.95
C ILE E 76 -2.44 -13.09 -4.58
N ARG E 77 -1.90 -12.46 -5.61
CA ARG E 77 -2.62 -11.39 -6.30
C ARG E 77 -3.85 -11.88 -7.03
N GLY E 78 -3.94 -13.18 -7.31
CA GLY E 78 -5.10 -13.74 -7.98
C GLY E 78 -5.01 -13.72 -9.49
N GLU E 79 -3.81 -13.90 -10.05
CA GLU E 79 -3.61 -13.87 -11.49
C GLU E 79 -3.64 -15.27 -12.09
N ARG E 80 -2.73 -16.16 -11.66
CA ARG E 80 -2.63 -17.52 -12.18
C ARG E 80 -2.68 -18.48 -10.99
N ALA E 81 -3.87 -19.05 -10.77
CA ALA E 81 -4.19 -20.02 -9.69
C ALA E 81 -3.04 -20.38 -8.75
N ILE F 27 11.08 -13.04 -31.68
CA ILE F 27 10.74 -13.36 -30.30
C ILE F 27 10.09 -12.16 -29.62
N GLN F 28 10.23 -12.09 -28.30
CA GLN F 28 9.69 -10.95 -27.56
C GLN F 28 10.59 -9.73 -27.67
N GLY F 29 11.91 -9.93 -27.61
CA GLY F 29 12.86 -8.86 -27.77
C GLY F 29 12.81 -7.79 -26.70
N ILE F 30 12.02 -8.01 -25.65
CA ILE F 30 12.06 -7.13 -24.48
C ILE F 30 13.43 -7.25 -23.85
N THR F 31 14.21 -6.18 -23.94
CA THR F 31 15.64 -6.29 -23.66
C THR F 31 15.90 -6.62 -22.20
N LYS F 32 16.94 -7.40 -21.97
CA LYS F 32 17.43 -7.64 -20.62
C LYS F 32 17.72 -6.34 -19.86
N PRO F 33 18.36 -5.33 -20.43
CA PRO F 33 18.50 -4.05 -19.69
C PRO F 33 17.18 -3.41 -19.33
N ALA F 34 16.15 -3.51 -20.18
CA ALA F 34 14.84 -2.96 -19.81
C ALA F 34 14.25 -3.72 -18.62
N ILE F 35 14.42 -5.04 -18.59
CA ILE F 35 13.96 -5.83 -17.46
C ILE F 35 14.69 -5.41 -16.19
N ARG F 36 16.00 -5.19 -16.29
CA ARG F 36 16.78 -4.78 -15.12
C ARG F 36 16.28 -3.44 -14.57
N ARG F 37 16.04 -2.47 -15.47
CA ARG F 37 15.58 -1.16 -15.02
C ARG F 37 14.24 -1.25 -14.30
N LEU F 38 13.35 -2.12 -14.78
CA LEU F 38 12.06 -2.30 -14.13
C LEU F 38 12.23 -2.86 -12.72
N ALA F 39 13.05 -3.90 -12.58
CA ALA F 39 13.29 -4.49 -11.27
C ALA F 39 13.97 -3.50 -10.34
N ARG F 40 14.86 -2.66 -10.88
CA ARG F 40 15.54 -1.66 -10.05
C ARG F 40 14.55 -0.68 -9.45
N ARG F 41 13.60 -0.21 -10.25
CA ARG F 41 12.59 0.71 -9.72
C ARG F 41 11.66 0.00 -8.73
N GLY F 42 11.47 -1.30 -8.89
CA GLY F 42 10.66 -2.04 -7.94
C GLY F 42 11.31 -2.32 -6.60
N GLY F 43 12.60 -2.00 -6.46
CA GLY F 43 13.33 -2.23 -5.23
C GLY F 43 14.20 -3.47 -5.22
N VAL F 44 14.22 -4.24 -6.31
CA VAL F 44 15.02 -5.45 -6.35
C VAL F 44 16.50 -5.10 -6.33
N LYS F 45 17.26 -5.82 -5.50
CA LYS F 45 18.68 -5.58 -5.35
C LYS F 45 19.55 -6.59 -6.09
N ARG F 46 19.08 -7.82 -6.26
CA ARG F 46 19.84 -8.88 -6.92
C ARG F 46 18.90 -9.72 -7.77
N ILE F 47 19.38 -10.16 -8.93
CA ILE F 47 18.56 -10.80 -9.95
C ILE F 47 19.13 -12.18 -10.28
N SER F 48 18.26 -13.19 -10.31
CA SER F 48 18.62 -14.49 -10.83
C SER F 48 18.55 -14.49 -12.35
N GLY F 49 19.44 -15.24 -12.98
CA GLY F 49 19.51 -15.25 -14.44
C GLY F 49 18.23 -15.74 -15.09
N LEU F 50 17.47 -16.59 -14.39
CA LEU F 50 16.23 -17.14 -14.95
C LEU F 50 15.14 -16.08 -15.06
N ILE F 51 15.33 -14.92 -14.42
CA ILE F 51 14.25 -13.93 -14.32
C ILE F 51 13.90 -13.37 -15.70
N TYR F 52 14.92 -13.09 -16.53
CA TYR F 52 14.68 -12.42 -17.80
C TYR F 52 13.59 -13.11 -18.62
N GLU F 53 13.72 -14.42 -18.82
CA GLU F 53 12.71 -15.12 -19.61
C GLU F 53 11.41 -15.27 -18.85
N GLU F 54 11.48 -15.48 -17.52
CA GLU F 54 10.27 -15.51 -16.71
C GLU F 54 9.50 -14.20 -16.80
N THR F 55 10.21 -13.07 -16.72
CA THR F 55 9.55 -11.77 -16.86
C THR F 55 8.92 -11.62 -18.23
N ARG F 56 9.65 -12.00 -19.28
CA ARG F 56 9.10 -11.94 -20.63
C ARG F 56 7.82 -12.76 -20.72
N GLY F 57 7.82 -13.97 -20.16
CA GLY F 57 6.62 -14.79 -20.18
C GLY F 57 5.46 -14.18 -19.42
N VAL F 58 5.75 -13.57 -18.27
CA VAL F 58 4.69 -12.95 -17.47
C VAL F 58 4.08 -11.77 -18.22
N LEU F 59 4.93 -10.93 -18.82
CA LEU F 59 4.43 -9.80 -19.61
C LEU F 59 3.62 -10.29 -20.81
N LYS F 60 4.05 -11.39 -21.42
CA LYS F 60 3.32 -11.93 -22.56
C LYS F 60 1.88 -12.28 -22.18
N VAL F 61 1.67 -12.77 -20.96
CA VAL F 61 0.31 -13.01 -20.49
C VAL F 61 -0.44 -11.68 -20.33
N PHE F 62 0.16 -10.74 -19.60
CA PHE F 62 -0.54 -9.51 -19.23
C PHE F 62 -0.91 -8.70 -20.46
N LEU F 63 0.05 -8.52 -21.39
CA LEU F 63 -0.24 -7.74 -22.59
C LEU F 63 -1.29 -8.41 -23.45
N GLU F 64 -1.26 -9.74 -23.54
CA GLU F 64 -2.25 -10.46 -24.33
C GLU F 64 -3.66 -10.23 -23.82
N ASN F 65 -3.85 -10.31 -22.50
CA ASN F 65 -5.18 -10.16 -21.93
C ASN F 65 -5.76 -8.78 -22.20
N VAL F 66 -4.95 -7.74 -22.06
CA VAL F 66 -5.44 -6.38 -22.29
C VAL F 66 -5.81 -6.18 -23.75
N ILE F 67 -4.98 -6.68 -24.67
CA ILE F 67 -5.27 -6.53 -26.09
C ILE F 67 -6.53 -7.29 -26.46
N ARG F 68 -6.74 -8.46 -25.85
CA ARG F 68 -7.95 -9.23 -26.12
C ARG F 68 -9.20 -8.44 -25.77
N ASP F 69 -9.20 -7.77 -24.62
CA ASP F 69 -10.32 -6.92 -24.25
C ASP F 69 -10.42 -5.69 -25.15
N ALA F 70 -9.27 -5.06 -25.45
CA ALA F 70 -9.28 -3.80 -26.18
C ALA F 70 -9.78 -3.98 -27.60
N VAL F 71 -9.34 -5.04 -28.30
CA VAL F 71 -9.78 -5.26 -29.67
C VAL F 71 -11.28 -5.55 -29.72
N THR F 72 -11.83 -6.14 -28.65
CA THR F 72 -13.27 -6.35 -28.58
C THR F 72 -14.01 -5.03 -28.56
N TYR F 73 -13.52 -4.07 -27.77
CA TYR F 73 -14.08 -2.72 -27.81
C TYR F 73 -13.93 -2.12 -29.20
N THR F 74 -12.81 -2.41 -29.88
CA THR F 74 -12.59 -1.88 -31.21
C THR F 74 -13.54 -2.52 -32.23
N GLU F 75 -13.82 -3.81 -32.09
CA GLU F 75 -14.68 -4.50 -33.05
C GLU F 75 -16.11 -3.96 -33.03
N HIS F 76 -16.65 -3.70 -31.83
CA HIS F 76 -18.05 -3.30 -31.73
C HIS F 76 -18.29 -1.96 -32.41
N ALA F 77 -17.37 -1.01 -32.26
CA ALA F 77 -17.37 0.16 -33.12
C ALA F 77 -16.89 -0.25 -34.50
N LYS F 78 -17.46 0.37 -35.54
CA LYS F 78 -17.08 0.04 -36.92
C LYS F 78 -15.73 0.68 -37.27
N ARG F 79 -14.71 0.24 -36.55
CA ARG F 79 -13.35 0.74 -36.71
C ARG F 79 -12.38 -0.43 -36.81
N LYS F 80 -11.43 -0.31 -37.75
CA LYS F 80 -10.33 -1.26 -37.85
C LYS F 80 -9.10 -0.79 -37.10
N THR F 81 -9.15 0.37 -36.44
CA THR F 81 -8.01 0.94 -35.74
C THR F 81 -8.32 1.05 -34.27
N VAL F 82 -7.49 0.44 -33.44
CA VAL F 82 -7.64 0.52 -31.99
C VAL F 82 -7.16 1.88 -31.52
N THR F 83 -8.00 2.58 -30.76
CA THR F 83 -7.66 3.89 -30.24
C THR F 83 -7.19 3.78 -28.79
N ALA F 84 -6.71 4.91 -28.27
CA ALA F 84 -6.30 4.96 -26.87
C ALA F 84 -7.49 4.73 -25.94
N MET F 85 -8.68 5.18 -26.32
CA MET F 85 -9.86 4.98 -25.50
C MET F 85 -10.20 3.50 -25.36
N ASP F 86 -9.96 2.71 -26.41
CA ASP F 86 -10.14 1.28 -26.32
C ASP F 86 -9.20 0.67 -25.28
N VAL F 87 -7.95 1.13 -25.26
CA VAL F 87 -6.98 0.64 -24.27
C VAL F 87 -7.44 0.98 -22.86
N VAL F 88 -7.89 2.22 -22.66
CA VAL F 88 -8.31 2.66 -21.33
C VAL F 88 -9.52 1.86 -20.86
N TYR F 89 -10.44 1.55 -21.79
CA TYR F 89 -11.63 0.79 -21.42
C TYR F 89 -11.27 -0.62 -20.97
N ALA F 90 -10.31 -1.26 -21.65
CA ALA F 90 -9.85 -2.57 -21.23
C ALA F 90 -9.18 -2.52 -19.87
N LEU F 91 -8.37 -1.47 -19.64
CA LEU F 91 -7.65 -1.34 -18.37
C LEU F 91 -8.60 -1.09 -17.20
N LYS F 92 -9.74 -0.45 -17.44
CA LYS F 92 -10.73 -0.26 -16.38
C LYS F 92 -11.15 -1.60 -15.77
N ARG F 93 -11.09 -2.68 -16.55
CA ARG F 93 -11.42 -4.00 -16.03
C ARG F 93 -10.42 -4.47 -14.98
N GLN F 94 -9.19 -3.98 -15.04
CA GLN F 94 -8.15 -4.38 -14.10
C GLN F 94 -7.62 -3.22 -13.26
N GLY F 95 -7.17 -2.14 -13.91
CA GLY F 95 -6.63 -0.99 -13.21
C GLY F 95 -6.76 0.27 -14.04
N ARG F 96 -7.29 1.33 -13.44
CA ARG F 96 -7.67 2.51 -14.20
C ARG F 96 -6.48 3.42 -14.46
N THR F 97 -6.43 3.98 -15.66
CA THR F 97 -5.42 4.93 -16.09
C THR F 97 -6.10 6.24 -16.45
N LEU F 98 -5.50 7.36 -16.06
CA LEU F 98 -6.10 8.66 -16.27
C LEU F 98 -5.44 9.37 -17.46
N TYR F 99 -5.63 8.78 -18.64
CA TYR F 99 -5.15 9.37 -19.88
C TYR F 99 -6.21 9.25 -20.96
N GLY F 100 -6.25 10.24 -21.85
CA GLY F 100 -7.16 10.23 -22.99
C GLY F 100 -8.61 10.46 -22.62
N GLU G 24 -16.01 12.60 -23.05
CA GLU G 24 -16.59 13.93 -22.82
C GLU G 24 -15.55 14.89 -22.23
N SER G 25 -15.71 16.18 -22.51
CA SER G 25 -14.78 17.21 -22.10
C SER G 25 -15.40 18.09 -21.03
N TYR G 26 -14.79 18.11 -19.84
CA TYR G 26 -15.22 18.96 -18.73
C TYR G 26 -14.22 20.08 -18.45
N SER G 27 -13.31 20.34 -19.38
CA SER G 27 -12.13 21.15 -19.09
C SER G 27 -12.50 22.59 -18.74
N ILE G 28 -13.43 23.21 -19.47
CA ILE G 28 -13.77 24.60 -19.19
C ILE G 28 -14.41 24.73 -17.81
N TYR G 29 -15.16 23.71 -17.39
CA TYR G 29 -15.75 23.74 -16.05
C TYR G 29 -14.71 23.53 -14.96
N VAL G 30 -13.69 22.72 -15.24
CA VAL G 30 -12.57 22.59 -14.30
C VAL G 30 -11.81 23.90 -14.22
N TYR G 31 -11.68 24.61 -15.34
CA TYR G 31 -11.03 25.92 -15.33
C TYR G 31 -11.83 26.92 -14.50
N LYS G 32 -13.15 26.87 -14.59
CA LYS G 32 -14.00 27.73 -13.76
C LYS G 32 -13.79 27.41 -12.27
N VAL G 33 -13.78 26.12 -11.93
CA VAL G 33 -13.57 25.72 -10.55
C VAL G 33 -12.17 26.14 -10.09
N LEU G 34 -11.16 25.98 -10.96
CA LEU G 34 -9.81 26.39 -10.61
C LEU G 34 -9.74 27.88 -10.32
N LYS G 35 -10.40 28.70 -11.15
CA LYS G 35 -10.42 30.14 -10.92
C LYS G 35 -11.18 30.52 -9.65
N GLN G 36 -12.04 29.63 -9.14
CA GLN G 36 -12.82 29.96 -7.95
C GLN G 36 -12.06 29.67 -6.66
N VAL G 37 -11.33 28.57 -6.61
CA VAL G 37 -10.55 28.24 -5.42
C VAL G 37 -9.17 28.91 -5.45
N HIS G 38 -8.55 28.99 -6.62
CA HIS G 38 -7.23 29.60 -6.80
C HIS G 38 -7.31 30.55 -7.99
N PRO G 39 -7.71 31.80 -7.78
CA PRO G 39 -7.94 32.70 -8.91
C PRO G 39 -6.72 32.92 -9.80
N ASP G 40 -5.52 32.92 -9.23
CA ASP G 40 -4.30 33.25 -9.94
C ASP G 40 -3.40 32.04 -10.15
N THR G 41 -3.98 30.88 -10.45
CA THR G 41 -3.23 29.66 -10.71
C THR G 41 -3.73 29.03 -11.98
N GLY G 42 -2.80 28.66 -12.87
CA GLY G 42 -3.11 28.00 -14.11
C GLY G 42 -2.99 26.49 -14.00
N ILE G 43 -2.84 25.84 -15.16
CA ILE G 43 -2.72 24.39 -15.23
C ILE G 43 -2.15 23.99 -16.59
N SER G 44 -1.32 22.95 -16.62
CA SER G 44 -0.69 22.51 -17.85
C SER G 44 -1.63 21.59 -18.63
N SER G 45 -1.31 21.40 -19.92
CA SER G 45 -2.16 20.58 -20.78
CA SER G 45 -2.16 20.58 -20.78
C SER G 45 -2.23 19.14 -20.30
N LYS G 46 -1.09 18.57 -19.91
CA LYS G 46 -1.12 17.21 -19.37
C LYS G 46 -1.92 17.16 -18.07
N ALA G 47 -1.76 18.18 -17.22
CA ALA G 47 -2.48 18.20 -15.95
C ALA G 47 -3.98 18.40 -16.17
N MET G 48 -4.36 19.18 -17.18
CA MET G 48 -5.78 19.33 -17.50
C MET G 48 -6.37 18.00 -17.97
N GLY G 49 -5.62 17.27 -18.82
CA GLY G 49 -6.09 15.98 -19.27
C GLY G 49 -6.21 14.97 -18.13
N ILE G 50 -5.38 15.11 -17.10
CA ILE G 50 -5.50 14.26 -15.92
C ILE G 50 -6.80 14.54 -15.19
N MET G 51 -7.10 15.83 -14.98
CA MET G 51 -8.34 16.20 -14.30
C MET G 51 -9.56 15.67 -15.05
N ASN G 52 -9.54 15.77 -16.38
CA ASN G 52 -10.66 15.29 -17.18
C ASN G 52 -10.86 13.79 -17.03
N SER G 53 -9.78 13.03 -17.05
CA SER G 53 -9.88 11.58 -16.92
C SER G 53 -10.38 11.18 -15.54
N PHE G 54 -9.99 11.93 -14.50
CA PHE G 54 -10.52 11.69 -13.17
C PHE G 54 -12.03 11.91 -13.13
N VAL G 55 -12.51 12.98 -13.77
CA VAL G 55 -13.94 13.29 -13.73
C VAL G 55 -14.74 12.23 -14.49
N ASN G 56 -14.25 11.79 -15.65
CA ASN G 56 -14.92 10.71 -16.37
C ASN G 56 -14.89 9.42 -15.57
N ASP G 57 -13.75 9.11 -14.93
CA ASP G 57 -13.64 7.87 -14.16
C ASP G 57 -14.66 7.83 -13.03
N ILE G 58 -14.73 8.90 -12.23
CA ILE G 58 -15.66 8.93 -11.11
C ILE G 58 -17.11 9.00 -11.60
N PHE G 59 -17.36 9.75 -12.67
CA PHE G 59 -18.71 9.80 -13.23
C PHE G 59 -19.18 8.40 -13.60
N GLU G 60 -18.30 7.63 -14.26
CA GLU G 60 -18.65 6.26 -14.63
C GLU G 60 -18.89 5.41 -13.39
N ARG G 61 -18.08 5.60 -12.33
CA ARG G 61 -18.24 4.81 -11.12
C ARG G 61 -19.53 5.16 -10.39
N ILE G 62 -19.79 6.45 -10.19
CA ILE G 62 -21.02 6.85 -9.49
C ILE G 62 -22.25 6.48 -10.30
N ALA G 63 -22.21 6.70 -11.62
CA ALA G 63 -23.33 6.34 -12.47
C ALA G 63 -23.56 4.83 -12.46
N GLY G 64 -22.48 4.05 -12.52
CA GLY G 64 -22.63 2.60 -12.45
C GLY G 64 -23.23 2.14 -11.13
N GLU G 65 -22.83 2.77 -10.02
CA GLU G 65 -23.38 2.39 -8.73
C GLU G 65 -24.84 2.79 -8.60
N ALA G 66 -25.24 3.91 -9.20
CA ALA G 66 -26.63 4.34 -9.12
C ALA G 66 -27.55 3.43 -9.93
N SER G 67 -27.05 2.87 -11.04
CA SER G 67 -27.86 1.97 -11.84
C SER G 67 -28.07 0.64 -11.14
N ARG G 68 -27.04 0.11 -10.49
CA ARG G 68 -27.18 -1.15 -9.75
C ARG G 68 -28.15 -0.98 -8.58
N LEU G 69 -28.12 0.18 -7.93
CA LEU G 69 -29.08 0.45 -6.87
C LEU G 69 -30.51 0.56 -7.41
N ALA G 70 -30.67 1.10 -8.62
CA ALA G 70 -32.00 1.21 -9.20
C ALA G 70 -32.59 -0.14 -9.54
N HIS G 71 -31.76 -1.09 -9.99
CA HIS G 71 -32.24 -2.43 -10.28
C HIS G 71 -32.41 -3.28 -9.03
N TYR G 72 -31.71 -2.95 -7.95
CA TYR G 72 -31.84 -3.69 -6.70
C TYR G 72 -33.18 -3.42 -6.02
N ASN G 73 -33.59 -2.16 -5.97
CA ASN G 73 -34.87 -1.77 -5.39
C ASN G 73 -36.03 -1.90 -6.39
N LYS G 74 -35.77 -2.44 -7.58
CA LYS G 74 -36.76 -2.69 -8.62
C LYS G 74 -37.41 -1.41 -9.13
N ARG G 75 -36.77 -0.27 -8.93
CA ARG G 75 -37.25 0.96 -9.54
C ARG G 75 -36.94 0.95 -11.05
N SER G 76 -37.55 1.89 -11.76
CA SER G 76 -37.22 2.13 -13.16
C SER G 76 -36.76 3.57 -13.38
N THR G 77 -36.39 4.27 -12.31
CA THR G 77 -35.99 5.66 -12.38
C THR G 77 -34.89 5.93 -11.37
N ILE G 78 -33.88 6.69 -11.78
CA ILE G 78 -32.80 7.12 -10.90
C ILE G 78 -33.07 8.56 -10.49
N THR G 79 -33.24 8.78 -9.19
CA THR G 79 -33.48 10.08 -8.61
C THR G 79 -32.25 10.53 -7.82
N SER G 80 -32.40 11.64 -7.09
CA SER G 80 -31.31 12.13 -6.25
C SER G 80 -30.94 11.12 -5.17
N ARG G 81 -31.90 10.30 -4.73
CA ARG G 81 -31.62 9.31 -3.68
C ARG G 81 -30.62 8.26 -4.16
N GLU G 82 -30.74 7.83 -5.42
CA GLU G 82 -29.84 6.81 -5.93
C GLU G 82 -28.42 7.35 -6.10
N ILE G 83 -28.28 8.62 -6.48
CA ILE G 83 -26.96 9.22 -6.61
C ILE G 83 -26.32 9.40 -5.23
N GLN G 84 -27.13 9.77 -4.23
CA GLN G 84 -26.59 10.02 -2.90
C GLN G 84 -26.04 8.74 -2.26
N THR G 85 -26.80 7.65 -2.36
CA THR G 85 -26.33 6.39 -1.79
C THR G 85 -25.10 5.87 -2.54
N ALA G 86 -25.03 6.10 -3.85
CA ALA G 86 -23.84 5.72 -4.61
C ALA G 86 -22.61 6.48 -4.16
N VAL G 87 -22.75 7.79 -3.91
CA VAL G 87 -21.63 8.60 -3.45
C VAL G 87 -21.18 8.16 -2.07
N ARG G 88 -22.13 7.82 -1.19
CA ARG G 88 -21.76 7.33 0.14
C ARG G 88 -20.98 6.03 0.06
N LEU G 89 -21.33 5.16 -0.89
CA LEU G 89 -20.68 3.86 -0.98
C LEU G 89 -19.27 3.98 -1.54
N LEU G 90 -19.04 4.89 -2.48
CA LEU G 90 -17.77 4.96 -3.18
C LEU G 90 -16.75 5.88 -2.49
N LEU G 91 -17.19 7.02 -1.98
CA LEU G 91 -16.22 7.92 -1.36
C LEU G 91 -15.93 7.52 0.08
N PRO G 92 -14.72 7.80 0.57
CA PRO G 92 -14.42 7.57 1.99
C PRO G 92 -15.15 8.56 2.89
N GLY G 93 -15.01 8.40 4.20
CA GLY G 93 -15.83 9.09 5.18
C GLY G 93 -16.02 10.58 5.00
N GLU G 94 -14.96 11.38 5.18
CA GLU G 94 -15.11 12.82 5.10
C GLU G 94 -15.49 13.27 3.69
N LEU G 95 -14.88 12.67 2.66
CA LEU G 95 -15.26 13.00 1.30
C LEU G 95 -16.72 12.67 1.03
N ALA G 96 -17.19 11.54 1.59
CA ALA G 96 -18.60 11.21 1.47
C ALA G 96 -19.48 12.24 2.17
N LYS G 97 -19.11 12.63 3.39
CA LYS G 97 -19.90 13.62 4.12
C LYS G 97 -19.94 14.95 3.40
N HIS G 98 -18.79 15.39 2.86
CA HIS G 98 -18.75 16.68 2.18
C HIS G 98 -19.48 16.62 0.84
N ALA G 99 -19.35 15.50 0.11
CA ALA G 99 -20.03 15.38 -1.17
C ALA G 99 -21.54 15.28 -0.99
N VAL G 100 -21.99 14.56 0.03
CA VAL G 100 -23.42 14.46 0.30
C VAL G 100 -23.99 15.83 0.66
N SER G 101 -23.26 16.59 1.46
CA SER G 101 -23.73 17.92 1.85
C SER G 101 -23.86 18.84 0.64
N GLU G 102 -22.86 18.83 -0.25
CA GLU G 102 -22.92 19.68 -1.44
C GLU G 102 -24.06 19.25 -2.36
N GLY G 103 -24.27 17.94 -2.48
CA GLY G 103 -25.35 17.45 -3.33
C GLY G 103 -26.73 17.84 -2.83
N THR G 104 -26.97 17.70 -1.52
CA THR G 104 -28.25 18.07 -0.96
CA THR G 104 -28.26 18.07 -0.97
C THR G 104 -28.49 19.57 -1.06
N LYS G 105 -27.43 20.38 -0.98
CA LYS G 105 -27.59 21.82 -1.10
C LYS G 105 -27.96 22.22 -2.52
N ALA G 106 -27.32 21.61 -3.52
CA ALA G 106 -27.63 21.95 -4.91
C ALA G 106 -29.04 21.52 -5.29
N VAL G 107 -29.53 20.40 -4.74
CA VAL G 107 -30.87 19.95 -5.05
C VAL G 107 -31.91 20.89 -4.45
N THR G 108 -31.71 21.32 -3.20
CA THR G 108 -32.66 22.21 -2.56
C THR G 108 -32.69 23.59 -3.24
N LYS G 109 -31.53 24.09 -3.67
CA LYS G 109 -31.52 25.34 -4.42
C LYS G 109 -32.29 25.19 -5.73
N TYR G 110 -32.13 24.03 -6.39
CA TYR G 110 -32.84 23.78 -7.65
C TYR G 110 -34.33 23.53 -7.39
N THR G 111 -34.65 22.99 -6.20
CA THR G 111 -36.03 22.67 -5.84
C THR G 111 -36.78 23.84 -5.22
N SER G 112 -36.09 24.85 -4.71
CA SER G 112 -36.74 25.98 -4.07
C SER G 112 -37.07 27.11 -5.04
N SER G 113 -36.22 27.35 -6.03
CA SER G 113 -36.35 28.54 -6.88
C SER G 113 -36.35 28.15 -8.36
N LYS G 114 -37.26 28.76 -9.12
CA LYS G 114 -37.37 28.57 -10.56
C LYS G 114 -36.76 29.71 -11.37
N LYS G 115 -36.16 30.70 -10.70
CA LYS G 115 -35.89 31.99 -11.34
C LYS G 115 -34.71 31.95 -12.30
N ALA G 116 -33.72 31.10 -12.07
CA ALA G 116 -32.48 31.12 -12.85
C ALA G 116 -32.71 30.58 -14.26
N LYS G 117 -32.10 31.24 -15.25
CA LYS G 117 -32.33 30.88 -16.65
C LYS G 117 -31.70 29.54 -17.00
N THR G 118 -30.50 29.28 -16.51
CA THR G 118 -29.80 28.03 -16.80
C THR G 118 -29.90 27.07 -15.62
N ARG G 119 -30.07 25.78 -15.93
CA ARG G 119 -30.19 24.78 -14.88
C ARG G 119 -28.92 24.69 -14.04
N SER G 120 -27.78 25.05 -14.63
CA SER G 120 -26.53 25.07 -13.88
C SER G 120 -26.55 26.15 -12.81
N SER G 121 -26.91 27.38 -13.20
CA SER G 121 -27.00 28.47 -12.23
C SER G 121 -28.18 28.31 -11.29
N ARG G 122 -29.15 27.47 -11.66
CA ARG G 122 -30.31 27.22 -10.79
C ARG G 122 -29.88 26.56 -9.49
N ALA G 123 -28.95 25.60 -9.56
CA ALA G 123 -28.45 24.92 -8.39
C ALA G 123 -27.20 25.57 -7.79
N GLY G 124 -26.73 26.68 -8.39
CA GLY G 124 -25.52 27.31 -7.92
C GLY G 124 -24.26 26.51 -8.20
N LEU G 125 -24.12 26.01 -9.42
CA LEU G 125 -23.01 25.13 -9.79
C LEU G 125 -22.33 25.65 -11.04
N GLN G 126 -21.04 25.32 -11.17
CA GLN G 126 -20.29 25.57 -12.40
C GLN G 126 -20.35 24.40 -13.37
N PHE G 127 -20.46 23.18 -12.86
CA PHE G 127 -20.53 22.01 -13.72
C PHE G 127 -21.86 21.98 -14.46
N PRO G 128 -21.87 21.49 -15.70
CA PRO G 128 -23.10 21.51 -16.51
C PRO G 128 -24.07 20.42 -16.10
N VAL G 129 -25.19 20.82 -15.51
CA VAL G 129 -26.23 19.85 -15.13
C VAL G 129 -26.84 19.22 -16.37
N GLY G 130 -27.00 20.01 -17.44
CA GLY G 130 -27.59 19.48 -18.66
C GLY G 130 -26.72 18.41 -19.31
N ARG G 131 -25.40 18.67 -19.40
CA ARG G 131 -24.50 17.65 -19.93
C ARG G 131 -24.53 16.39 -19.07
N VAL G 132 -24.58 16.56 -17.74
CA VAL G 132 -24.65 15.41 -16.85
C VAL G 132 -25.92 14.61 -17.10
N HIS G 133 -27.07 15.31 -17.21
CA HIS G 133 -28.33 14.62 -17.46
C HIS G 133 -28.32 13.94 -18.83
N ARG G 134 -27.72 14.57 -19.83
CA ARG G 134 -27.64 13.96 -21.14
C ARG G 134 -26.79 12.69 -21.12
N LEU G 135 -25.65 12.73 -20.42
CA LEU G 135 -24.78 11.55 -20.37
C LEU G 135 -25.41 10.44 -19.53
N LEU G 136 -26.15 10.82 -18.48
CA LEU G 136 -26.84 9.81 -17.68
C LEU G 136 -27.85 9.02 -18.51
N ARG G 137 -28.60 9.72 -19.37
CA ARG G 137 -29.57 9.06 -20.22
C ARG G 137 -28.90 8.29 -21.35
N LYS G 138 -27.75 8.79 -21.85
CA LYS G 138 -27.06 8.12 -22.94
C LYS G 138 -26.54 6.75 -22.52
N GLY G 139 -26.02 6.63 -21.30
CA GLY G 139 -25.41 5.40 -20.85
C GLY G 139 -26.36 4.25 -20.63
N ASN G 140 -27.67 4.48 -20.76
CA ASN G 140 -28.68 3.42 -20.59
C ASN G 140 -28.58 2.79 -19.21
N TYR G 141 -28.33 3.61 -18.19
CA TYR G 141 -28.25 3.11 -16.83
C TYR G 141 -29.61 2.71 -16.28
N SER G 142 -30.68 3.39 -16.69
CA SER G 142 -32.02 3.09 -16.19
C SER G 142 -33.04 3.43 -17.27
N GLU G 143 -34.31 3.09 -16.99
CA GLU G 143 -35.39 3.44 -17.89
C GLU G 143 -35.58 4.95 -17.98
N ARG G 144 -35.59 5.62 -16.83
CA ARG G 144 -35.85 7.04 -16.75
C ARG G 144 -34.83 7.66 -15.79
N VAL G 145 -34.55 8.95 -15.99
CA VAL G 145 -33.64 9.70 -15.14
C VAL G 145 -34.40 10.87 -14.54
N GLY G 146 -34.42 10.95 -13.23
CA GLY G 146 -35.12 12.03 -12.55
C GLY G 146 -34.45 13.38 -12.73
N ALA G 147 -35.14 14.40 -12.24
CA ALA G 147 -34.61 15.76 -12.37
C ALA G 147 -33.51 16.04 -11.36
N GLY G 148 -33.61 15.49 -10.14
CA GLY G 148 -32.65 15.81 -9.09
C GLY G 148 -31.35 15.04 -9.16
N ALA G 149 -31.33 13.91 -9.87
CA ALA G 149 -30.10 13.12 -9.96
C ALA G 149 -28.97 13.86 -10.65
N PRO G 150 -29.14 14.44 -11.85
CA PRO G 150 -28.00 15.13 -12.48
C PRO G 150 -27.50 16.33 -11.68
N VAL G 151 -28.39 17.04 -11.00
CA VAL G 151 -27.95 18.14 -10.13
C VAL G 151 -27.08 17.61 -9.01
N TYR G 152 -27.50 16.49 -8.40
CA TYR G 152 -26.71 15.90 -7.33
C TYR G 152 -25.37 15.40 -7.84
N LEU G 153 -25.35 14.75 -9.01
CA LEU G 153 -24.10 14.26 -9.56
C LEU G 153 -23.17 15.40 -9.94
N ALA G 154 -23.72 16.47 -10.53
CA ALA G 154 -22.88 17.62 -10.90
C ALA G 154 -22.27 18.28 -9.68
N ALA G 155 -23.03 18.38 -8.58
CA ALA G 155 -22.51 18.98 -7.36
C ALA G 155 -21.40 18.14 -6.76
N VAL G 156 -21.56 16.81 -6.76
CA VAL G 156 -20.52 15.93 -6.24
C VAL G 156 -19.25 16.04 -7.08
N LEU G 157 -19.41 16.04 -8.41
CA LEU G 157 -18.26 16.20 -9.29
C LEU G 157 -17.57 17.54 -9.07
N GLU G 158 -18.35 18.59 -8.80
CA GLU G 158 -17.77 19.91 -8.58
C GLU G 158 -16.97 19.96 -7.28
N TYR G 159 -17.51 19.38 -6.20
CA TYR G 159 -16.80 19.42 -4.92
C TYR G 159 -15.48 18.66 -5.00
N LEU G 160 -15.51 17.47 -5.60
CA LEU G 160 -14.29 16.67 -5.69
C LEU G 160 -13.24 17.37 -6.53
N THR G 161 -13.64 17.99 -7.64
CA THR G 161 -12.72 18.78 -8.43
C THR G 161 -12.17 19.95 -7.63
N ALA G 162 -13.03 20.59 -6.82
CA ALA G 162 -12.58 21.71 -5.99
C ALA G 162 -11.57 21.25 -4.94
N GLU G 163 -11.86 20.15 -4.25
CA GLU G 163 -10.94 19.65 -3.22
C GLU G 163 -9.59 19.27 -3.83
N ILE G 164 -9.62 18.62 -5.00
CA ILE G 164 -8.38 18.26 -5.67
C ILE G 164 -7.62 19.50 -6.14
N LEU G 165 -8.33 20.43 -6.79
CA LEU G 165 -7.69 21.64 -7.28
C LEU G 165 -7.18 22.52 -6.14
N GLU G 166 -7.91 22.54 -5.02
CA GLU G 166 -7.45 23.26 -3.85
C GLU G 166 -6.13 22.68 -3.34
N LEU G 167 -6.06 21.35 -3.23
CA LEU G 167 -4.82 20.73 -2.75
C LEU G 167 -3.73 20.79 -3.80
N ALA G 168 -4.08 20.60 -5.07
CA ALA G 168 -3.07 20.72 -6.13
C ALA G 168 -2.59 22.17 -6.27
N GLY G 169 -3.48 23.14 -6.05
CA GLY G 169 -3.04 24.52 -6.01
C GLY G 169 -2.14 24.81 -4.82
N ASN G 170 -2.45 24.21 -3.67
CA ASN G 170 -1.60 24.38 -2.50
C ASN G 170 -0.21 23.79 -2.73
N ALA G 171 -0.13 22.66 -3.44
CA ALA G 171 1.16 22.09 -3.80
C ALA G 171 1.93 22.98 -4.77
N ALA G 172 1.22 23.56 -5.74
CA ALA G 172 1.87 24.44 -6.71
C ALA G 172 2.42 25.70 -6.04
N ARG G 173 1.67 26.26 -5.09
CA ARG G 173 2.16 27.43 -4.36
C ARG G 173 3.40 27.08 -3.54
N ASP G 174 3.44 25.89 -2.96
CA ASP G 174 4.58 25.49 -2.15
C ASP G 174 5.81 25.23 -3.00
N ASN G 175 5.64 24.82 -4.26
CA ASN G 175 6.76 24.67 -5.18
C ASN G 175 7.13 25.99 -5.87
N LYS G 176 6.46 27.09 -5.54
CA LYS G 176 6.66 28.37 -6.20
C LYS G 176 6.44 28.24 -7.71
N LYS G 177 5.40 27.50 -8.08
CA LYS G 177 5.00 27.35 -9.47
C LYS G 177 3.66 28.05 -9.67
N THR G 178 3.51 28.72 -10.82
CA THR G 178 2.31 29.50 -11.10
C THR G 178 1.19 28.67 -11.72
N ARG G 179 1.43 27.39 -11.99
CA ARG G 179 0.43 26.52 -12.59
C ARG G 179 0.57 25.13 -12.01
N ILE G 180 -0.50 24.35 -12.12
CA ILE G 180 -0.53 22.97 -11.61
C ILE G 180 -0.08 22.04 -12.73
N ILE G 181 1.00 21.30 -12.48
CA ILE G 181 1.54 20.34 -13.43
C ILE G 181 1.20 18.95 -12.92
N PRO G 182 1.43 17.87 -13.70
CA PRO G 182 1.02 16.54 -13.23
C PRO G 182 1.50 16.18 -11.82
N ARG G 183 2.77 16.43 -11.50
CA ARG G 183 3.28 15.98 -10.20
C ARG G 183 2.62 16.70 -9.04
N HIS G 184 2.18 17.94 -9.25
CA HIS G 184 1.41 18.63 -8.22
C HIS G 184 0.10 17.90 -7.96
N LEU G 185 -0.54 17.38 -9.01
CA LEU G 185 -1.74 16.59 -8.83
C LEU G 185 -1.45 15.32 -8.04
N GLN G 186 -0.34 14.64 -8.35
CA GLN G 186 0.01 13.42 -7.64
C GLN G 186 0.20 13.69 -6.15
N LEU G 187 0.89 14.78 -5.82
CA LEU G 187 1.11 15.12 -4.41
C LEU G 187 -0.20 15.38 -3.69
N ALA G 188 -1.11 16.13 -4.33
CA ALA G 188 -2.40 16.43 -3.72
C ALA G 188 -3.18 15.15 -3.44
N ILE G 189 -3.04 14.16 -4.31
CA ILE G 189 -3.87 12.96 -4.22
C ILE G 189 -3.35 12.01 -3.16
N ARG G 190 -2.12 11.53 -3.32
CA ARG G 190 -1.59 10.48 -2.46
C ARG G 190 -1.28 10.98 -1.05
N ASN G 191 -1.08 12.28 -0.87
CA ASN G 191 -0.84 12.80 0.47
C ASN G 191 -2.13 12.92 1.27
N ASP G 192 -3.28 12.97 0.61
CA ASP G 192 -4.57 12.92 1.27
C ASP G 192 -5.01 11.45 1.33
N GLU G 193 -5.23 10.94 2.54
CA GLU G 193 -5.59 9.53 2.69
C GLU G 193 -6.83 9.20 1.87
N GLU G 194 -7.89 10.00 2.03
CA GLU G 194 -9.15 9.71 1.37
C GLU G 194 -9.04 9.88 -0.13
N LEU G 195 -8.31 10.92 -0.59
CA LEU G 195 -8.10 11.11 -2.02
C LEU G 195 -7.28 9.97 -2.63
N ASN G 196 -6.24 9.52 -1.93
CA ASN G 196 -5.46 8.39 -2.42
C ASN G 196 -6.31 7.12 -2.46
N LYS G 197 -7.10 6.88 -1.40
CA LYS G 197 -7.98 5.72 -1.39
C LYS G 197 -8.99 5.80 -2.52
N LEU G 198 -9.56 6.98 -2.76
CA LEU G 198 -10.59 7.13 -3.78
C LEU G 198 -10.03 6.87 -5.18
N LEU G 199 -8.88 7.45 -5.49
CA LEU G 199 -8.25 7.14 -6.76
C LEU G 199 -7.59 5.77 -6.78
N GLY G 200 -7.20 5.26 -5.61
CA GLY G 200 -6.56 3.95 -5.56
C GLY G 200 -5.27 3.89 -6.33
N LYS G 201 -4.52 4.99 -6.36
CA LYS G 201 -3.23 5.07 -7.05
C LYS G 201 -3.36 4.69 -8.52
N VAL G 202 -4.34 5.30 -9.20
CA VAL G 202 -4.44 5.15 -10.65
C VAL G 202 -3.17 5.71 -11.29
N THR G 203 -2.69 5.00 -12.32
CA THR G 203 -1.41 5.32 -12.92
C THR G 203 -1.56 6.33 -14.04
N ILE G 204 -0.65 7.31 -14.05
CA ILE G 204 -0.70 8.42 -15.00
C ILE G 204 0.73 8.92 -15.25
N ALA G 205 1.06 9.13 -16.52
CA ALA G 205 2.34 9.73 -16.90
C ALA G 205 2.23 10.39 -18.27
#